data_7B61
#
_entry.id   7B61
#
_cell.length_a   58.150
_cell.length_b   58.240
_cell.length_c   74.030
_cell.angle_alpha   96.93
_cell.angle_beta   91.27
_cell.angle_gamma   105.20
#
_symmetry.space_group_name_H-M   'P 1'
#
loop_
_entity.id
_entity.type
_entity.pdbx_description
1 polymer 'UDP-N-acetylmuramoyl-L-alanyl-D-glutamate--2,6-diaminopimelate ligase'
2 non-polymer 'CITRIC ACID'
3 non-polymer (S)-N-(1-cyclopropylethyl)-6-methylpicolinamide
4 non-polymer (R)-N-(1-cyclopropylethyl)-6-methylpicolinamide
5 non-polymer 'ISOPROPYL ALCOHOL'
6 non-polymer 'DIMETHYL SULFOXIDE'
7 water water
#
_entity_poly.entity_id   1
_entity_poly.type   'polypeptide(L)'
_entity_poly.pdbx_seq_one_letter_code
;SMADRNLRDLLAPWVPDAPSRALREMTLDSRVAAAGDLFVAVVGHQADGRRYIPQAIAQGVAAIIAEAKDEATDGEIREM
HGVPVIYLSQLNERLSALAGRFYHEPSDNLRLVGVTGTNGKTTTTQLLAQWSQLLGEISAVMGTVGNGLLGKVIPTENTT
GSAVDVQHELAGLVDQGATFCAMEVSSHGLVQHRVAALKFAASVFTNLSRDHLDYHGDMEHYEAAKWLLYSEHHCGQAII
NADDEVGRRWLAKLPDAVAVSMEDHINPNCHGRWLKATEVNYHDSGATIRFSSSWGDGEIESHLMGAFNVSNLLLALATL
LALGYPLADLLKTAARLQPVCGRMEVFTAPGKPTVVVDYAHTPDALEKALQAARLHCAGKLWCVFGCGGDRDKGKRPLMG
AIAEEFADVAVVTDDNPRTEEPRAIINDILAGMLDAGHAKVMEGRAEAVTCAVMQAKENDVVLVAGKGHEDYQIVGNQRL
DYSDRVTVARLLGVIA
;
_entity_poly.pdbx_strand_id   A,B
#
# COMPACT_ATOMS: atom_id res chain seq x y z
N ARG A 5 21.98 9.45 5.69
CA ARG A 5 22.59 8.20 5.18
C ARG A 5 23.93 7.89 5.87
N ASN A 6 24.02 6.65 6.36
CA ASN A 6 25.17 6.19 7.07
C ASN A 6 25.47 4.76 6.62
N LEU A 7 26.75 4.50 6.33
CA LEU A 7 27.22 3.20 5.90
C LEU A 7 26.71 2.08 6.74
N ARG A 8 26.68 2.28 8.07
CA ARG A 8 26.37 1.20 8.99
C ARG A 8 24.89 0.83 8.88
N ASP A 9 24.03 1.86 8.95
CA ASP A 9 22.58 1.65 8.73
C ASP A 9 22.35 1.06 7.33
N LEU A 10 22.97 1.66 6.30
CA LEU A 10 22.82 1.18 4.93
C LEU A 10 23.03 -0.30 4.84
N LEU A 11 24.11 -0.79 5.47
CA LEU A 11 24.51 -2.19 5.35
C LEU A 11 23.98 -3.15 6.41
N ALA A 12 23.28 -2.63 7.42
CA ALA A 12 22.77 -3.44 8.54
C ALA A 12 22.10 -4.76 8.16
N PRO A 13 21.27 -4.85 7.09
CA PRO A 13 20.66 -6.12 6.71
C PRO A 13 21.62 -7.16 6.29
N TRP A 14 22.81 -6.75 5.83
CA TRP A 14 23.76 -7.67 5.21
C TRP A 14 25.11 -7.80 5.94
N VAL A 15 25.63 -6.67 6.45
CA VAL A 15 26.99 -6.62 7.05
C VAL A 15 26.81 -6.05 8.47
N PRO A 16 26.71 -6.95 9.48
CA PRO A 16 26.50 -6.52 10.87
C PRO A 16 27.58 -5.57 11.42
N ASP A 17 28.84 -5.77 11.00
CA ASP A 17 29.97 -5.10 11.62
C ASP A 17 30.48 -3.88 10.87
N ALA A 18 29.65 -3.32 9.98
CA ALA A 18 30.13 -2.25 9.13
C ALA A 18 30.31 -0.96 9.91
N PRO A 19 31.40 -0.17 9.65
CA PRO A 19 31.63 1.06 10.38
C PRO A 19 30.61 2.14 10.10
N SER A 20 30.35 2.98 11.11
CA SER A 20 29.57 4.20 10.91
C SER A 20 30.38 5.19 10.11
N ARG A 21 29.69 5.93 9.24
CA ARG A 21 30.29 6.87 8.31
C ARG A 21 29.14 7.53 7.57
N ALA A 22 29.02 8.84 7.69
CA ALA A 22 28.01 9.60 7.00
C ALA A 22 28.26 9.48 5.51
N LEU A 23 27.19 9.35 4.71
CA LEU A 23 27.32 9.27 3.25
C LEU A 23 26.50 10.34 2.60
N ARG A 24 26.94 10.82 1.43
CA ARG A 24 26.24 11.86 0.69
C ARG A 24 25.38 11.22 -0.40
N GLU A 25 25.94 10.99 -1.59
CA GLU A 25 25.26 10.34 -2.71
C GLU A 25 25.93 9.00 -3.04
N MET A 26 25.23 8.18 -3.82
CA MET A 26 25.69 6.88 -4.24
C MET A 26 26.00 6.96 -5.70
N THR A 27 27.19 6.50 -6.10
CA THR A 27 27.54 6.52 -7.52
C THR A 27 28.37 5.33 -7.92
N LEU A 28 28.13 4.90 -9.17
CA LEU A 28 28.92 3.87 -9.82
C LEU A 28 30.10 4.47 -10.60
N ASP A 29 30.14 5.79 -10.72
CA ASP A 29 31.12 6.47 -11.57
C ASP A 29 32.21 7.14 -10.73
N SER A 30 33.41 6.54 -10.71
CA SER A 30 34.54 7.12 -9.98
C SER A 30 34.86 8.55 -10.40
N ARG A 31 34.49 8.91 -11.63
CA ARG A 31 34.74 10.27 -12.12
C ARG A 31 33.92 11.33 -11.44
N VAL A 32 32.71 10.98 -10.97
CA VAL A 32 31.88 11.97 -10.28
C VAL A 32 31.76 11.75 -8.78
N ALA A 33 32.33 10.65 -8.30
CA ALA A 33 32.45 10.39 -6.87
C ALA A 33 33.11 11.59 -6.16
N ALA A 34 32.27 12.45 -5.57
CA ALA A 34 32.70 13.59 -4.72
C ALA A 34 33.01 13.19 -3.26
N ALA A 35 33.58 14.15 -2.51
CA ALA A 35 33.85 13.95 -1.09
C ALA A 35 32.55 13.62 -0.37
N GLY A 36 32.63 12.65 0.53
CA GLY A 36 31.49 12.19 1.29
C GLY A 36 30.65 11.12 0.58
N ASP A 37 30.94 10.80 -0.70
CA ASP A 37 30.14 9.79 -1.47
C ASP A 37 30.39 8.40 -1.11
N LEU A 38 29.43 7.54 -1.50
CA LEU A 38 29.61 6.13 -1.49
C LEU A 38 29.87 5.80 -2.95
N PHE A 39 31.06 5.26 -3.22
CA PHE A 39 31.39 4.75 -4.54
C PHE A 39 31.13 3.25 -4.52
N VAL A 40 30.42 2.78 -5.54
CA VAL A 40 30.13 1.36 -5.67
C VAL A 40 30.89 0.84 -6.87
N ALA A 41 31.76 -0.16 -6.62
CA ALA A 41 32.70 -0.66 -7.62
C ALA A 41 32.19 -2.00 -8.10
N VAL A 42 31.58 -1.99 -9.29
CA VAL A 42 30.95 -3.18 -9.84
C VAL A 42 31.75 -3.68 -11.03
N VAL A 43 31.61 -4.97 -11.29
CA VAL A 43 32.28 -5.63 -12.40
C VAL A 43 31.20 -5.95 -13.39
N GLY A 44 31.41 -5.51 -14.64
CA GLY A 44 30.51 -5.75 -15.74
C GLY A 44 31.17 -6.41 -16.94
N HIS A 45 30.66 -6.15 -18.15
CA HIS A 45 31.30 -6.56 -19.39
C HIS A 45 32.47 -5.57 -19.73
N GLN A 46 33.70 -6.08 -19.67
CA GLN A 46 34.91 -5.30 -19.96
C GLN A 46 35.11 -4.06 -19.06
N ALA A 47 34.55 -4.10 -17.86
CA ALA A 47 34.68 -3.00 -16.91
C ALA A 47 34.79 -3.52 -15.50
N ASP A 48 35.84 -3.10 -14.79
CA ASP A 48 36.03 -3.44 -13.40
C ASP A 48 36.21 -2.17 -12.60
N GLY A 49 35.13 -1.69 -11.96
CA GLY A 49 35.18 -0.53 -11.09
C GLY A 49 36.18 -0.59 -9.94
N ARG A 50 36.62 -1.78 -9.54
CA ARG A 50 37.57 -1.93 -8.43
C ARG A 50 38.93 -1.32 -8.85
N ARG A 51 39.23 -1.36 -10.16
CA ARG A 51 40.39 -0.65 -10.72
C ARG A 51 40.43 0.78 -10.24
N TYR A 52 39.25 1.43 -10.17
CA TYR A 52 39.16 2.86 -9.82
C TYR A 52 38.99 3.18 -8.30
N ILE A 53 39.21 2.19 -7.42
CA ILE A 53 39.12 2.40 -5.98
C ILE A 53 40.13 3.44 -5.49
N PRO A 54 41.41 3.34 -5.92
CA PRO A 54 42.40 4.38 -5.62
C PRO A 54 41.94 5.79 -5.99
N GLN A 55 41.47 6.01 -7.23
CA GLN A 55 41.01 7.33 -7.66
C GLN A 55 39.90 7.89 -6.78
N ALA A 56 38.89 7.05 -6.52
CA ALA A 56 37.73 7.43 -5.69
C ALA A 56 38.20 7.83 -4.31
N ILE A 57 39.06 7.01 -3.71
CA ILE A 57 39.65 7.27 -2.41
C ILE A 57 40.37 8.63 -2.44
N ALA A 58 41.11 8.87 -3.54
CA ALA A 58 41.86 10.11 -3.74
C ALA A 58 40.93 11.30 -3.95
N GLN A 59 39.72 11.06 -4.47
CA GLN A 59 38.74 12.11 -4.60
C GLN A 59 37.92 12.33 -3.33
N GLY A 60 38.26 11.57 -2.28
CA GLY A 60 37.75 11.76 -0.93
C GLY A 60 36.43 11.07 -0.55
N VAL A 61 36.09 9.98 -1.23
CA VAL A 61 34.84 9.28 -0.92
C VAL A 61 34.85 8.85 0.54
N ALA A 62 33.65 8.82 1.16
CA ALA A 62 33.48 8.39 2.52
C ALA A 62 33.62 6.89 2.66
N ALA A 63 33.17 6.14 1.65
CA ALA A 63 33.15 4.70 1.71
C ALA A 63 33.04 4.08 0.34
N ILE A 64 33.37 2.79 0.27
CA ILE A 64 33.27 2.01 -0.95
C ILE A 64 32.62 0.67 -0.66
N ILE A 65 31.68 0.29 -1.55
CA ILE A 65 31.18 -1.08 -1.61
C ILE A 65 31.67 -1.66 -2.94
N ALA A 66 32.25 -2.85 -2.89
CA ALA A 66 32.92 -3.47 -4.07
C ALA A 66 32.56 -4.91 -4.29
N GLU A 67 32.57 -5.30 -5.56
CA GLU A 67 32.40 -6.71 -5.94
C GLU A 67 33.45 -7.57 -5.19
N ALA A 68 33.00 -8.63 -4.52
CA ALA A 68 33.89 -9.56 -3.80
C ALA A 68 34.61 -10.62 -4.71
N LYS A 69 34.04 -10.88 -5.89
CA LYS A 69 34.54 -11.90 -6.85
C LYS A 69 36.06 -11.83 -7.06
N ASP A 70 36.76 -12.90 -6.69
CA ASP A 70 38.24 -13.04 -6.84
C ASP A 70 39.12 -12.21 -5.92
N GLU A 71 38.51 -11.30 -5.16
CA GLU A 71 39.21 -10.31 -4.38
C GLU A 71 38.99 -10.48 -2.88
N ALA A 72 37.83 -10.99 -2.47
CA ALA A 72 37.42 -10.99 -1.08
C ALA A 72 36.28 -11.93 -0.79
N THR A 73 35.94 -12.08 0.49
CA THR A 73 34.77 -12.83 0.89
C THR A 73 33.59 -11.87 1.06
N ASP A 74 32.36 -12.43 1.02
CA ASP A 74 31.14 -11.63 1.10
C ASP A 74 31.05 -11.04 2.51
N GLY A 75 30.88 -9.73 2.59
CA GLY A 75 30.80 -9.04 3.86
C GLY A 75 32.17 -8.68 4.44
N GLU A 76 33.23 -8.91 3.67
CA GLU A 76 34.57 -8.63 4.16
C GLU A 76 34.75 -7.14 4.26
N ILE A 77 35.12 -6.67 5.46
CA ILE A 77 35.42 -5.26 5.70
C ILE A 77 36.93 -5.04 5.76
N ARG A 78 37.42 -4.22 4.82
CA ARG A 78 38.77 -3.73 4.76
C ARG A 78 38.73 -2.21 4.81
N GLU A 79 39.91 -1.62 4.94
CA GLU A 79 40.08 -0.20 5.20
C GLU A 79 41.34 0.17 4.42
N MET A 80 41.21 1.15 3.53
CA MET A 80 42.31 1.60 2.67
C MET A 80 42.37 3.11 2.81
N HIS A 81 43.55 3.62 3.23
CA HIS A 81 43.76 5.05 3.44
C HIS A 81 42.71 5.69 4.36
N GLY A 82 42.29 4.92 5.37
CA GLY A 82 41.26 5.32 6.31
C GLY A 82 39.82 5.29 5.81
N VAL A 83 39.61 4.68 4.63
CA VAL A 83 38.29 4.59 3.96
C VAL A 83 37.79 3.15 4.02
N PRO A 84 36.58 2.91 4.58
CA PRO A 84 36.07 1.53 4.64
C PRO A 84 35.76 1.07 3.19
N VAL A 85 36.18 -0.17 2.89
CA VAL A 85 35.88 -0.83 1.64
C VAL A 85 35.23 -2.11 2.06
N ILE A 86 33.93 -2.24 1.74
CA ILE A 86 33.16 -3.40 2.10
C ILE A 86 32.86 -4.22 0.83
N TYR A 87 33.19 -5.52 0.87
CA TYR A 87 33.05 -6.38 -0.31
C TYR A 87 31.79 -7.21 -0.21
N LEU A 88 31.05 -7.27 -1.33
CA LEU A 88 29.79 -8.03 -1.41
C LEU A 88 29.85 -8.93 -2.65
N SER A 89 29.52 -10.20 -2.48
N SER A 89 29.51 -10.20 -2.47
CA SER A 89 29.35 -11.14 -3.58
CA SER A 89 29.34 -11.13 -3.58
C SER A 89 28.05 -10.77 -4.32
C SER A 89 28.05 -10.78 -4.32
N GLN A 90 28.01 -11.06 -5.62
CA GLN A 90 26.84 -10.83 -6.47
C GLN A 90 26.31 -9.38 -6.34
N LEU A 91 27.25 -8.44 -6.43
CA LEU A 91 26.89 -7.03 -6.23
C LEU A 91 25.91 -6.49 -7.31
N ASN A 92 26.06 -6.95 -8.56
CA ASN A 92 25.15 -6.55 -9.63
C ASN A 92 23.71 -6.90 -9.32
N GLU A 93 23.54 -8.07 -8.72
CA GLU A 93 22.21 -8.60 -8.38
C GLU A 93 21.60 -7.85 -7.25
N ARG A 94 22.45 -7.27 -6.38
CA ARG A 94 22.04 -6.66 -5.12
C ARG A 94 21.98 -5.17 -5.18
N LEU A 95 22.43 -4.59 -6.29
CA LEU A 95 22.55 -3.15 -6.39
C LEU A 95 21.20 -2.46 -6.23
N SER A 96 20.15 -3.03 -6.86
CA SER A 96 18.84 -2.45 -6.68
C SER A 96 18.41 -2.36 -5.18
N ALA A 97 18.62 -3.45 -4.43
CA ALA A 97 18.25 -3.51 -3.01
C ALA A 97 19.08 -2.48 -2.20
N LEU A 98 20.36 -2.40 -2.53
CA LEU A 98 21.30 -1.52 -1.83
C LEU A 98 20.86 -0.07 -2.04
N ALA A 99 20.58 0.29 -3.30
CA ALA A 99 20.18 1.64 -3.64
C ALA A 99 18.80 1.96 -3.08
N GLY A 100 17.91 0.94 -3.06
CA GLY A 100 16.57 1.10 -2.50
C GLY A 100 16.70 1.57 -1.03
N ARG A 101 17.54 0.87 -0.26
CA ARG A 101 17.75 1.18 1.14
C ARG A 101 18.39 2.56 1.27
N PHE A 102 19.37 2.84 0.42
CA PHE A 102 20.07 4.15 0.42
C PHE A 102 19.06 5.28 0.25
N TYR A 103 18.13 5.10 -0.70
CA TYR A 103 17.16 6.15 -1.05
C TYR A 103 15.78 6.06 -0.34
N HIS A 104 15.74 5.30 0.76
CA HIS A 104 14.58 5.24 1.68
C HIS A 104 13.38 4.60 1.00
N GLU A 105 13.67 3.57 0.21
CA GLU A 105 12.63 2.65 -0.32
C GLU A 105 11.52 3.42 -1.03
N PRO A 106 11.86 4.15 -2.11
CA PRO A 106 10.86 5.00 -2.78
C PRO A 106 9.61 4.21 -3.28
N SER A 107 9.79 2.95 -3.66
CA SER A 107 8.66 2.19 -4.19
C SER A 107 7.68 1.74 -3.10
N ASP A 108 8.07 1.86 -1.84
CA ASP A 108 7.16 1.65 -0.71
C ASP A 108 6.48 2.94 -0.28
N ASN A 109 6.82 4.05 -0.94
CA ASN A 109 6.29 5.36 -0.64
C ASN A 109 5.51 6.00 -1.76
N LEU A 110 5.22 5.22 -2.80
CA LEU A 110 4.21 5.61 -3.83
C LEU A 110 3.70 4.31 -4.41
N ARG A 111 2.62 4.37 -5.18
CA ARG A 111 2.07 3.19 -5.84
C ARG A 111 2.78 3.07 -7.19
N LEU A 112 3.66 2.07 -7.35
CA LEU A 112 4.44 1.92 -8.55
C LEU A 112 3.80 0.81 -9.42
N VAL A 113 3.53 1.13 -10.69
CA VAL A 113 3.03 0.16 -11.64
C VAL A 113 4.05 0.03 -12.74
N GLY A 114 4.48 -1.19 -13.01
CA GLY A 114 5.39 -1.47 -14.06
C GLY A 114 4.73 -2.06 -15.28
N VAL A 115 5.13 -1.59 -16.47
CA VAL A 115 4.52 -2.08 -17.72
C VAL A 115 5.60 -2.68 -18.57
N THR A 116 5.43 -3.95 -18.96
CA THR A 116 6.41 -4.68 -19.78
C THR A 116 5.77 -5.17 -21.05
N GLY A 117 6.58 -5.41 -22.08
CA GLY A 117 6.08 -5.93 -23.35
C GLY A 117 6.81 -5.23 -24.47
N THR A 118 6.55 -5.67 -25.69
CA THR A 118 7.28 -5.12 -26.83
C THR A 118 6.73 -3.74 -27.18
N ASN A 119 5.41 -3.65 -27.31
CA ASN A 119 4.74 -2.39 -27.70
C ASN A 119 3.76 -1.93 -26.69
N GLY A 120 3.41 -0.65 -26.76
CA GLY A 120 2.41 -0.14 -25.87
C GLY A 120 2.85 0.30 -24.48
N LYS A 121 4.14 0.17 -24.15
CA LYS A 121 4.59 0.54 -22.82
C LYS A 121 4.36 2.01 -22.59
N THR A 122 4.74 2.84 -23.57
CA THR A 122 4.71 4.26 -23.36
C THR A 122 3.26 4.72 -23.22
N THR A 123 2.37 4.28 -24.11
CA THR A 123 0.99 4.71 -24.05
C THR A 123 0.31 4.21 -22.79
N THR A 124 0.58 2.96 -22.42
CA THR A 124 -0.08 2.40 -21.25
C THR A 124 0.37 3.10 -19.96
N THR A 125 1.67 3.35 -19.83
CA THR A 125 2.17 4.14 -18.68
C THR A 125 1.54 5.51 -18.63
N GLN A 126 1.47 6.19 -19.79
CA GLN A 126 0.83 7.51 -19.82
C GLN A 126 -0.61 7.47 -19.40
N LEU A 127 -1.36 6.46 -19.87
CA LEU A 127 -2.71 6.35 -19.48
C LEU A 127 -2.86 6.07 -17.97
N LEU A 128 -1.99 5.18 -17.44
CA LEU A 128 -2.06 4.83 -16.01
C LEU A 128 -1.85 6.13 -15.19
N ALA A 129 -0.83 6.87 -15.57
CA ALA A 129 -0.46 8.08 -14.82
C ALA A 129 -1.57 9.14 -14.92
N GLN A 130 -2.10 9.33 -16.13
CA GLN A 130 -3.20 10.30 -16.33
C GLN A 130 -4.45 9.95 -15.58
N TRP A 131 -4.84 8.65 -15.63
CA TRP A 131 -6.10 8.27 -15.11
C TRP A 131 -6.05 8.31 -13.59
N SER A 132 -4.97 7.78 -13.04
CA SER A 132 -4.76 7.84 -11.59
C SER A 132 -4.76 9.31 -11.08
N GLN A 133 -4.16 10.20 -11.86
CA GLN A 133 -4.10 11.62 -11.44
C GLN A 133 -5.50 12.23 -11.48
N LEU A 134 -6.29 11.87 -12.50
CA LEU A 134 -7.73 12.20 -12.55
C LEU A 134 -8.51 11.71 -11.38
N LEU A 135 -8.06 10.61 -10.75
CA LEU A 135 -8.71 10.13 -9.53
C LEU A 135 -8.10 10.66 -8.23
N GLY A 136 -7.19 11.64 -8.34
CA GLY A 136 -6.63 12.33 -7.18
C GLY A 136 -5.19 12.04 -6.79
N GLU A 137 -4.50 11.16 -7.51
CA GLU A 137 -3.07 10.96 -7.28
C GLU A 137 -2.28 12.14 -7.84
N ILE A 138 -1.06 12.32 -7.35
CA ILE A 138 -0.07 13.10 -8.00
C ILE A 138 0.79 12.11 -8.76
N SER A 139 0.62 12.06 -10.08
CA SER A 139 1.20 10.99 -10.83
C SER A 139 2.42 11.36 -11.59
N ALA A 140 3.22 10.34 -11.88
CA ALA A 140 4.47 10.48 -12.59
C ALA A 140 4.67 9.31 -13.56
N VAL A 141 5.65 9.46 -14.46
CA VAL A 141 6.05 8.45 -15.41
C VAL A 141 7.53 8.31 -15.41
N MET A 142 7.99 7.09 -15.67
CA MET A 142 9.38 6.81 -15.97
C MET A 142 9.40 5.94 -17.20
N GLY A 143 9.99 6.44 -18.28
CA GLY A 143 10.03 5.64 -19.49
C GLY A 143 10.74 6.33 -20.63
N THR A 144 10.28 6.03 -21.85
CA THR A 144 11.04 6.27 -23.08
C THR A 144 11.12 7.80 -23.39
N VAL A 145 10.03 8.50 -23.09
CA VAL A 145 9.87 9.93 -23.26
C VAL A 145 10.49 10.71 -22.07
N GLY A 146 11.07 10.00 -21.09
CA GLY A 146 11.77 10.54 -19.92
C GLY A 146 11.03 10.27 -18.60
N ASN A 147 11.42 11.01 -17.56
CA ASN A 147 10.90 10.88 -16.21
C ASN A 147 10.39 12.19 -15.68
N GLY A 148 9.33 12.11 -14.89
CA GLY A 148 8.82 13.26 -14.18
C GLY A 148 7.37 13.15 -13.82
N LEU A 149 6.93 14.13 -13.02
CA LEU A 149 5.52 14.34 -12.75
C LEU A 149 4.86 14.62 -14.07
N LEU A 150 3.57 14.26 -14.19
CA LEU A 150 2.86 14.50 -15.45
C LEU A 150 2.97 15.96 -15.87
N GLY A 151 3.20 16.18 -17.17
CA GLY A 151 3.39 17.50 -17.76
C GLY A 151 4.83 17.98 -17.71
N LYS A 152 5.60 17.46 -16.74
CA LYS A 152 6.98 17.85 -16.50
C LYS A 152 7.99 16.71 -16.74
N VAL A 153 7.77 15.94 -17.80
CA VAL A 153 8.56 14.76 -18.09
C VAL A 153 9.79 15.24 -18.86
N ILE A 154 10.97 15.03 -18.26
CA ILE A 154 12.25 15.50 -18.78
C ILE A 154 12.97 14.32 -19.44
N PRO A 155 13.44 14.46 -20.70
CA PRO A 155 14.04 13.35 -21.45
C PRO A 155 15.21 12.54 -20.84
N GLY A 161 21.56 4.13 -17.63
CA GLY A 161 20.52 3.79 -16.67
C GLY A 161 20.86 2.50 -15.91
N SER A 162 21.18 2.63 -14.62
CA SER A 162 21.49 1.50 -13.79
C SER A 162 20.45 1.28 -12.70
N ALA A 163 20.63 0.21 -11.93
CA ALA A 163 19.76 -0.02 -10.73
C ALA A 163 19.79 1.11 -9.71
N VAL A 164 20.94 1.82 -9.61
CA VAL A 164 21.07 2.96 -8.74
C VAL A 164 20.27 4.14 -9.26
N ASP A 165 20.42 4.43 -10.55
CA ASP A 165 19.71 5.53 -11.21
C ASP A 165 18.18 5.41 -11.12
N VAL A 166 17.68 4.18 -11.23
CA VAL A 166 16.23 3.94 -11.14
C VAL A 166 15.72 4.31 -9.77
N GLN A 167 16.44 3.86 -8.75
CA GLN A 167 16.02 4.11 -7.37
C GLN A 167 16.13 5.60 -7.06
N HIS A 168 17.26 6.20 -7.49
CA HIS A 168 17.50 7.64 -7.30
C HIS A 168 16.39 8.50 -7.93
N GLU A 169 16.01 8.17 -9.18
CA GLU A 169 14.99 8.92 -9.91
C GLU A 169 13.63 8.72 -9.27
N LEU A 170 13.34 7.50 -8.78
CA LEU A 170 12.07 7.25 -8.09
C LEU A 170 12.01 8.06 -6.78
N ALA A 171 13.15 8.12 -6.07
CA ALA A 171 13.24 8.92 -4.85
C ALA A 171 13.04 10.38 -5.11
N GLY A 172 13.61 10.87 -6.22
CA GLY A 172 13.36 12.25 -6.66
C GLY A 172 11.89 12.55 -6.87
N LEU A 173 11.20 11.59 -7.49
CA LEU A 173 9.77 11.74 -7.71
C LEU A 173 9.01 11.75 -6.40
N VAL A 174 9.36 10.86 -5.45
CA VAL A 174 8.70 10.81 -4.16
C VAL A 174 8.94 12.20 -3.51
N ASP A 175 10.17 12.70 -3.60
CA ASP A 175 10.52 14.05 -3.07
C ASP A 175 9.70 15.18 -3.66
N GLN A 176 9.34 15.07 -4.95
CA GLN A 176 8.50 16.07 -5.59
C GLN A 176 7.01 15.91 -5.32
N GLY A 177 6.64 14.91 -4.49
CA GLY A 177 5.27 14.65 -4.06
C GLY A 177 4.47 13.59 -4.86
N ALA A 178 5.12 12.89 -5.78
CA ALA A 178 4.45 11.80 -6.50
C ALA A 178 3.92 10.76 -5.52
N THR A 179 2.66 10.35 -5.76
CA THR A 179 1.97 9.30 -5.03
C THR A 179 1.68 8.05 -5.91
N PHE A 180 2.04 8.15 -7.18
CA PHE A 180 1.79 7.08 -8.19
C PHE A 180 2.82 7.27 -9.29
N CYS A 181 3.44 6.18 -9.71
CA CYS A 181 4.34 6.24 -10.82
C CYS A 181 4.07 5.03 -11.74
N ALA A 182 3.96 5.30 -13.03
CA ALA A 182 3.88 4.29 -14.06
C ALA A 182 5.20 4.24 -14.77
N MET A 183 5.86 3.06 -14.71
CA MET A 183 7.18 2.87 -15.18
C MET A 183 7.22 1.85 -16.32
N GLU A 184 7.82 2.23 -17.45
CA GLU A 184 8.19 1.26 -18.48
C GLU A 184 9.29 0.37 -17.98
N VAL A 185 9.13 -0.95 -18.08
CA VAL A 185 10.15 -1.92 -17.66
C VAL A 185 10.53 -2.70 -18.91
N SER A 186 11.75 -2.46 -19.39
CA SER A 186 12.23 -3.14 -20.57
C SER A 186 12.70 -4.52 -20.28
N SER A 187 12.66 -5.41 -21.28
CA SER A 187 13.17 -6.76 -21.11
C SER A 187 14.62 -6.75 -20.69
N HIS A 188 15.41 -5.91 -21.36
CA HIS A 188 16.81 -5.67 -21.05
C HIS A 188 17.08 -5.20 -19.59
N GLY A 189 16.28 -4.24 -19.12
CA GLY A 189 16.33 -3.73 -17.76
C GLY A 189 16.10 -4.83 -16.72
N LEU A 190 15.06 -5.62 -16.98
CA LEU A 190 14.70 -6.75 -16.12
C LEU A 190 15.84 -7.74 -15.99
N VAL A 191 16.40 -8.14 -17.14
CA VAL A 191 17.48 -9.10 -17.18
C VAL A 191 18.76 -8.58 -16.44
N GLN A 192 19.03 -7.28 -16.54
CA GLN A 192 20.21 -6.66 -15.92
C GLN A 192 19.97 -6.23 -14.49
N HIS A 193 18.88 -6.72 -13.90
CA HIS A 193 18.57 -6.49 -12.50
C HIS A 193 18.32 -5.04 -12.14
N ARG A 194 17.84 -4.22 -13.10
CA ARG A 194 17.70 -2.79 -12.86
C ARG A 194 16.50 -2.42 -12.02
N VAL A 195 15.55 -3.34 -11.93
CA VAL A 195 14.36 -3.17 -11.09
C VAL A 195 14.21 -4.23 -10.04
N ALA A 196 15.29 -4.92 -9.72
CA ALA A 196 15.21 -6.11 -8.90
C ALA A 196 14.54 -5.95 -7.53
N ALA A 197 14.78 -4.82 -6.84
CA ALA A 197 14.23 -4.63 -5.51
C ALA A 197 13.04 -3.72 -5.41
N LEU A 198 12.47 -3.34 -6.55
CA LEU A 198 11.32 -2.44 -6.53
C LEU A 198 10.08 -3.18 -6.16
N LYS A 199 9.26 -2.54 -5.32
CA LYS A 199 8.00 -3.10 -4.90
C LYS A 199 6.93 -2.59 -5.91
N PHE A 200 6.68 -3.39 -6.95
CA PHE A 200 5.55 -3.07 -7.85
C PHE A 200 4.21 -3.35 -7.23
N ALA A 201 3.33 -2.36 -7.26
CA ALA A 201 1.93 -2.56 -6.87
C ALA A 201 1.21 -3.42 -7.89
N ALA A 202 1.61 -3.25 -9.15
CA ALA A 202 1.07 -4.02 -10.26
C ALA A 202 2.08 -4.08 -11.38
N SER A 203 1.99 -5.16 -12.14
CA SER A 203 2.83 -5.47 -13.29
C SER A 203 1.92 -5.83 -14.46
N VAL A 204 2.15 -5.16 -15.59
CA VAL A 204 1.26 -5.22 -16.73
C VAL A 204 2.07 -5.79 -17.88
N PHE A 205 1.46 -6.71 -18.63
CA PHE A 205 2.05 -7.31 -19.84
C PHE A 205 1.19 -6.92 -21.05
N THR A 206 1.82 -6.21 -21.99
CA THR A 206 1.11 -5.75 -23.16
C THR A 206 1.15 -6.81 -24.29
N ASN A 207 2.34 -7.17 -24.76
CA ASN A 207 2.48 -8.10 -25.85
C ASN A 207 3.91 -8.54 -25.98
N LEU A 208 4.15 -9.55 -26.84
CA LEU A 208 5.49 -9.93 -27.18
C LEU A 208 5.52 -10.04 -28.73
N SER A 209 6.44 -9.29 -29.34
CA SER A 209 6.46 -8.84 -30.75
C SER A 209 5.51 -9.54 -31.69
N GLY A 217 12.06 -25.69 -28.07
CA GLY A 217 13.46 -25.45 -27.77
C GLY A 217 13.76 -24.03 -27.27
N ASP A 218 13.95 -23.12 -28.22
CA ASP A 218 14.19 -21.73 -27.89
C ASP A 218 13.07 -21.26 -26.96
N MET A 219 11.81 -21.45 -27.37
CA MET A 219 10.65 -21.05 -26.56
C MET A 219 10.72 -21.57 -25.10
N GLU A 220 11.28 -22.77 -24.87
CA GLU A 220 11.46 -23.28 -23.51
C GLU A 220 12.47 -22.51 -22.67
N HIS A 221 13.63 -22.13 -23.23
CA HIS A 221 14.64 -21.40 -22.42
C HIS A 221 14.28 -19.91 -22.22
N TYR A 222 13.67 -19.30 -23.25
CA TYR A 222 13.18 -17.96 -23.14
C TYR A 222 12.19 -17.93 -22.00
N GLU A 223 11.15 -18.75 -22.08
CA GLU A 223 10.11 -18.83 -21.10
C GLU A 223 10.78 -19.04 -19.73
N ALA A 224 11.72 -20.00 -19.63
CA ALA A 224 12.30 -20.38 -18.34
C ALA A 224 12.98 -19.22 -17.65
N ALA A 225 13.80 -18.50 -18.43
CA ALA A 225 14.48 -17.33 -17.98
C ALA A 225 13.51 -16.26 -17.46
N LYS A 226 12.40 -16.08 -18.17
CA LYS A 226 11.40 -15.02 -17.78
C LYS A 226 10.62 -15.46 -16.55
N TRP A 227 10.28 -16.75 -16.44
CA TRP A 227 9.62 -17.27 -15.23
C TRP A 227 10.48 -17.10 -14.00
N LEU A 228 11.77 -17.41 -14.14
CA LEU A 228 12.75 -17.27 -13.09
C LEU A 228 12.78 -15.82 -12.60
N LEU A 229 12.91 -14.87 -13.54
CA LEU A 229 12.83 -13.43 -13.22
C LEU A 229 11.55 -13.04 -12.50
N TYR A 230 10.40 -13.48 -13.03
CA TYR A 230 9.13 -13.20 -12.41
C TYR A 230 9.18 -13.65 -10.98
N SER A 231 9.68 -14.87 -10.75
CA SER A 231 9.60 -15.46 -9.43
C SER A 231 10.44 -14.71 -8.40
N GLU A 232 11.44 -13.98 -8.89
CA GLU A 232 12.34 -13.24 -8.06
C GLU A 232 11.87 -11.81 -7.72
N HIS A 233 10.89 -11.30 -8.47
CA HIS A 233 10.47 -9.92 -8.28
C HIS A 233 9.19 -9.81 -7.46
N HIS A 234 8.96 -8.64 -6.85
CA HIS A 234 7.74 -8.27 -6.18
C HIS A 234 6.86 -7.61 -7.23
N CYS A 235 6.05 -8.43 -7.92
CA CYS A 235 5.26 -7.92 -9.07
C CYS A 235 3.93 -7.36 -8.70
N GLY A 236 3.44 -7.63 -7.50
CA GLY A 236 2.09 -7.23 -7.16
C GLY A 236 1.01 -7.86 -7.99
N GLN A 237 -0.04 -7.07 -8.29
CA GLN A 237 -1.14 -7.55 -9.13
C GLN A 237 -0.63 -7.69 -10.55
N ALA A 238 -0.89 -8.83 -11.17
CA ALA A 238 -0.49 -9.10 -12.55
C ALA A 238 -1.70 -8.83 -13.45
N ILE A 239 -1.47 -8.06 -14.53
CA ILE A 239 -2.53 -7.67 -15.46
C ILE A 239 -1.98 -8.01 -16.82
N ILE A 240 -2.65 -8.91 -17.56
CA ILE A 240 -2.10 -9.51 -18.72
C ILE A 240 -3.05 -9.51 -19.91
N ASN A 241 -2.54 -9.08 -21.06
CA ASN A 241 -3.26 -9.10 -22.31
C ASN A 241 -3.43 -10.55 -22.81
N ALA A 242 -4.66 -11.04 -22.70
CA ALA A 242 -5.02 -12.43 -23.06
C ALA A 242 -5.16 -12.58 -24.57
N ASP A 243 -5.07 -11.47 -25.32
CA ASP A 243 -5.06 -11.55 -26.76
C ASP A 243 -3.73 -11.90 -27.37
N ASP A 244 -2.67 -11.89 -26.57
CA ASP A 244 -1.36 -12.27 -26.98
C ASP A 244 -1.07 -13.72 -26.54
N GLU A 245 -0.49 -14.52 -27.45
CA GLU A 245 -0.23 -15.97 -27.23
C GLU A 245 0.65 -16.18 -25.98
N VAL A 246 1.64 -15.30 -25.83
CA VAL A 246 2.53 -15.31 -24.69
C VAL A 246 1.81 -14.89 -23.42
N GLY A 247 0.97 -13.87 -23.54
CA GLY A 247 0.10 -13.49 -22.44
C GLY A 247 -0.72 -14.68 -21.92
N ARG A 248 -1.30 -15.46 -22.84
N ARG A 248 -1.29 -15.47 -22.83
CA ARG A 248 -2.08 -16.61 -22.40
CA ARG A 248 -2.09 -16.62 -22.41
C ARG A 248 -1.23 -17.67 -21.65
C ARG A 248 -1.23 -17.67 -21.65
N ARG A 249 0.02 -17.84 -22.06
CA ARG A 249 0.96 -18.68 -21.31
C ARG A 249 1.18 -18.19 -19.89
N TRP A 250 1.39 -16.88 -19.70
CA TRP A 250 1.50 -16.27 -18.37
C TRP A 250 0.27 -16.57 -17.57
N LEU A 251 -0.90 -16.28 -18.17
CA LEU A 251 -2.17 -16.43 -17.47
C LEU A 251 -2.44 -17.87 -17.01
N ALA A 252 -1.96 -18.83 -17.80
CA ALA A 252 -2.17 -20.25 -17.53
C ALA A 252 -1.55 -20.64 -16.20
N LYS A 253 -0.48 -19.93 -15.79
CA LYS A 253 0.23 -20.26 -14.57
C LYS A 253 0.04 -19.27 -13.41
N LEU A 254 -0.79 -18.24 -13.60
CA LEU A 254 -1.08 -17.21 -12.65
C LEU A 254 -2.56 -17.05 -12.37
N PRO A 255 -3.15 -17.90 -11.50
CA PRO A 255 -4.60 -17.90 -11.35
C PRO A 255 -5.18 -16.60 -10.76
N ASP A 256 -4.35 -15.79 -10.07
CA ASP A 256 -4.80 -14.53 -9.49
C ASP A 256 -4.55 -13.29 -10.39
N ALA A 257 -4.03 -13.52 -11.59
CA ALA A 257 -3.76 -12.45 -12.58
C ALA A 257 -5.09 -12.02 -13.15
N VAL A 258 -5.15 -10.81 -13.70
CA VAL A 258 -6.32 -10.28 -14.35
C VAL A 258 -6.16 -10.47 -15.86
N ALA A 259 -7.09 -11.19 -16.53
CA ALA A 259 -7.04 -11.37 -17.97
C ALA A 259 -7.84 -10.27 -18.67
N VAL A 260 -7.24 -9.67 -19.70
CA VAL A 260 -7.84 -8.55 -20.46
C VAL A 260 -7.91 -8.96 -21.94
N SER A 261 -9.09 -8.76 -22.56
CA SER A 261 -9.30 -9.13 -23.94
C SER A 261 -10.20 -8.18 -24.64
N MET A 262 -9.93 -8.00 -25.94
CA MET A 262 -10.90 -7.28 -26.79
C MET A 262 -11.32 -8.21 -27.92
N GLU A 263 -11.04 -9.50 -27.73
CA GLU A 263 -11.52 -10.57 -28.59
C GLU A 263 -12.25 -11.60 -27.72
N ASP A 264 -12.02 -12.88 -27.98
CA ASP A 264 -12.71 -13.92 -27.25
C ASP A 264 -11.77 -14.79 -26.50
N HIS A 265 -10.72 -14.19 -25.90
CA HIS A 265 -9.73 -15.00 -25.22
C HIS A 265 -9.90 -15.18 -23.70
N ILE A 266 -10.85 -14.48 -23.07
CA ILE A 266 -11.20 -14.71 -21.68
C ILE A 266 -11.88 -16.09 -21.59
N ASN A 267 -11.30 -16.97 -20.78
CA ASN A 267 -11.92 -18.28 -20.48
C ASN A 267 -12.76 -18.15 -19.21
N PRO A 268 -14.10 -18.10 -19.33
CA PRO A 268 -14.94 -17.83 -18.15
C PRO A 268 -14.94 -18.99 -17.10
N ASN A 269 -14.52 -20.19 -17.54
CA ASN A 269 -14.38 -21.33 -16.62
C ASN A 269 -13.40 -21.11 -15.46
N CYS A 270 -12.39 -20.22 -15.63
N CYS A 270 -12.41 -20.22 -15.65
CA CYS A 270 -11.38 -20.13 -14.58
CA CYS A 270 -11.36 -19.97 -14.65
C CYS A 270 -11.85 -19.34 -13.30
C CYS A 270 -11.85 -19.32 -13.33
N HIS A 271 -13.00 -18.65 -13.39
CA HIS A 271 -13.54 -17.82 -12.30
C HIS A 271 -12.48 -16.87 -11.74
N GLY A 272 -11.61 -16.35 -12.61
CA GLY A 272 -10.65 -15.39 -12.18
C GLY A 272 -11.21 -14.01 -12.52
N ARG A 273 -10.38 -13.02 -12.32
CA ARG A 273 -10.67 -11.65 -12.63
C ARG A 273 -10.38 -11.40 -14.10
N TRP A 274 -11.25 -10.58 -14.72
CA TRP A 274 -11.18 -10.35 -16.16
C TRP A 274 -11.82 -9.06 -16.54
N LEU A 275 -11.43 -8.56 -17.73
CA LEU A 275 -12.07 -7.40 -18.34
C LEU A 275 -12.06 -7.69 -19.85
N LYS A 276 -13.22 -7.56 -20.48
CA LYS A 276 -13.29 -7.74 -21.91
C LYS A 276 -14.12 -6.69 -22.61
N ALA A 277 -13.60 -6.22 -23.75
CA ALA A 277 -14.36 -5.32 -24.58
C ALA A 277 -15.34 -6.21 -25.35
N THR A 278 -16.65 -5.93 -25.24
CA THR A 278 -17.66 -6.71 -25.90
C THR A 278 -18.05 -6.08 -27.23
N GLU A 279 -17.91 -4.77 -27.34
CA GLU A 279 -18.19 -4.10 -28.61
C GLU A 279 -17.29 -2.87 -28.69
N VAL A 280 -16.68 -2.66 -29.86
CA VAL A 280 -15.91 -1.45 -30.08
C VAL A 280 -16.39 -0.84 -31.37
N ASN A 281 -16.81 0.42 -31.29
CA ASN A 281 -17.10 1.21 -32.49
C ASN A 281 -15.97 2.25 -32.73
N TYR A 282 -15.21 2.11 -33.82
CA TYR A 282 -14.13 3.02 -34.15
C TYR A 282 -14.78 4.13 -35.00
N HIS A 283 -14.76 5.35 -34.48
CA HIS A 283 -15.48 6.44 -35.17
C HIS A 283 -14.52 7.53 -35.50
N ASP A 284 -15.06 8.67 -35.96
CA ASP A 284 -14.17 9.67 -36.48
C ASP A 284 -13.38 10.44 -35.46
N SER A 285 -13.65 10.28 -34.16
CA SER A 285 -12.95 10.99 -33.11
C SER A 285 -12.38 10.09 -32.02
N GLY A 286 -12.42 8.79 -32.28
CA GLY A 286 -11.98 7.85 -31.26
C GLY A 286 -12.73 6.59 -31.35
N ALA A 287 -12.86 5.93 -30.20
CA ALA A 287 -13.54 4.66 -30.12
C ALA A 287 -14.49 4.67 -28.89
N THR A 288 -15.70 4.19 -29.13
CA THR A 288 -16.65 3.83 -28.12
C THR A 288 -16.45 2.33 -27.78
N ILE A 289 -16.10 2.09 -26.50
CA ILE A 289 -15.68 0.79 -26.03
C ILE A 289 -16.69 0.37 -24.95
N ARG A 290 -17.45 -0.67 -25.28
CA ARG A 290 -18.36 -1.34 -24.35
C ARG A 290 -17.63 -2.53 -23.80
N PHE A 291 -17.69 -2.67 -22.48
CA PHE A 291 -16.98 -3.72 -21.78
C PHE A 291 -17.76 -4.31 -20.62
N SER A 292 -17.39 -5.55 -20.27
N SER A 292 -17.39 -5.55 -20.28
CA SER A 292 -17.81 -6.23 -19.06
CA SER A 292 -17.80 -6.22 -19.05
C SER A 292 -16.55 -6.63 -18.29
C SER A 292 -16.55 -6.63 -18.29
N SER A 293 -16.72 -6.84 -17.00
CA SER A 293 -15.62 -7.16 -16.13
C SER A 293 -16.15 -7.76 -14.87
N SER A 294 -15.24 -8.34 -14.12
CA SER A 294 -15.61 -8.84 -12.81
C SER A 294 -15.87 -7.74 -11.82
N TRP A 295 -15.64 -6.47 -12.20
CA TRP A 295 -15.94 -5.31 -11.38
C TRP A 295 -17.25 -4.62 -11.76
N GLY A 296 -17.87 -5.08 -12.84
CA GLY A 296 -19.00 -4.41 -13.44
C GLY A 296 -18.73 -3.99 -14.88
N ASP A 297 -19.78 -3.52 -15.55
CA ASP A 297 -19.77 -3.20 -16.96
C ASP A 297 -19.83 -1.72 -17.22
N GLY A 298 -19.59 -1.32 -18.46
CA GLY A 298 -19.58 0.10 -18.70
C GLY A 298 -19.29 0.39 -20.12
N GLU A 299 -19.23 1.69 -20.41
CA GLU A 299 -18.96 2.17 -21.73
C GLU A 299 -18.05 3.35 -21.55
N ILE A 300 -16.97 3.39 -22.35
CA ILE A 300 -15.99 4.43 -22.33
C ILE A 300 -15.89 5.05 -23.72
N GLU A 301 -15.79 6.38 -23.75
CA GLU A 301 -15.41 7.12 -24.97
C GLU A 301 -13.97 7.43 -24.92
N SER A 302 -13.17 6.69 -25.68
CA SER A 302 -11.76 6.96 -25.79
C SER A 302 -11.53 7.91 -26.95
N HIS A 303 -10.54 8.78 -26.76
CA HIS A 303 -10.11 9.74 -27.78
C HIS A 303 -8.83 9.30 -28.42
N LEU A 304 -8.47 8.01 -28.21
CA LEU A 304 -7.29 7.43 -28.84
C LEU A 304 -7.77 6.63 -30.05
N MET A 305 -6.84 6.37 -30.96
CA MET A 305 -7.11 5.76 -32.23
C MET A 305 -6.47 4.37 -32.38
N GLY A 306 -7.24 3.45 -33.00
CA GLY A 306 -6.76 2.15 -33.43
C GLY A 306 -7.03 1.09 -32.36
N ALA A 307 -6.89 -0.18 -32.75
CA ALA A 307 -7.20 -1.30 -31.86
C ALA A 307 -6.19 -1.47 -30.77
N PHE A 308 -4.91 -1.26 -31.08
CA PHE A 308 -3.86 -1.49 -30.10
C PHE A 308 -4.07 -0.50 -28.92
N ASN A 309 -4.52 0.72 -29.23
CA ASN A 309 -4.87 1.67 -28.15
C ASN A 309 -6.09 1.36 -27.34
N VAL A 310 -7.03 0.59 -27.92
CA VAL A 310 -8.14 0.05 -27.12
C VAL A 310 -7.53 -0.95 -26.12
N SER A 311 -6.67 -1.85 -26.62
CA SER A 311 -5.97 -2.80 -25.72
C SER A 311 -5.18 -2.11 -24.59
N ASN A 312 -4.39 -1.11 -24.93
CA ASN A 312 -3.63 -0.35 -23.96
C ASN A 312 -4.55 0.30 -22.91
N LEU A 313 -5.66 0.89 -23.36
N LEU A 313 -5.64 0.90 -23.36
CA LEU A 313 -6.59 1.55 -22.43
CA LEU A 313 -6.60 1.55 -22.44
C LEU A 313 -7.23 0.51 -21.51
C LEU A 313 -7.25 0.52 -21.51
N LEU A 314 -7.69 -0.61 -22.06
CA LEU A 314 -8.20 -1.71 -21.25
C LEU A 314 -7.21 -2.25 -20.23
N LEU A 315 -5.93 -2.37 -20.61
CA LEU A 315 -4.93 -2.78 -19.65
C LEU A 315 -4.83 -1.76 -18.52
N ALA A 316 -4.83 -0.47 -18.84
CA ALA A 316 -4.76 0.53 -17.79
C ALA A 316 -5.99 0.46 -16.88
N LEU A 317 -7.16 0.29 -17.47
CA LEU A 317 -8.46 0.21 -16.73
C LEU A 317 -8.41 -0.99 -15.74
N ALA A 318 -8.05 -2.15 -16.29
CA ALA A 318 -8.02 -3.37 -15.48
C ALA A 318 -6.99 -3.23 -14.32
N THR A 319 -5.87 -2.60 -14.61
CA THR A 319 -4.83 -2.35 -13.61
C THR A 319 -5.40 -1.51 -12.46
N LEU A 320 -6.05 -0.39 -12.82
CA LEU A 320 -6.58 0.50 -11.83
C LEU A 320 -7.72 -0.12 -11.04
N LEU A 321 -8.57 -0.91 -11.71
CA LEU A 321 -9.62 -1.64 -11.02
C LEU A 321 -8.98 -2.61 -10.02
N ALA A 322 -7.99 -3.38 -10.49
CA ALA A 322 -7.24 -4.33 -9.62
C ALA A 322 -6.66 -3.68 -8.40
N LEU A 323 -6.21 -2.43 -8.53
CA LEU A 323 -5.65 -1.73 -7.42
C LEU A 323 -6.67 -1.06 -6.53
N GLY A 324 -7.95 -1.16 -6.88
CA GLY A 324 -9.03 -0.76 -6.02
C GLY A 324 -9.61 0.62 -6.34
N TYR A 325 -9.26 1.23 -7.49
CA TYR A 325 -9.88 2.48 -7.85
C TYR A 325 -11.30 2.18 -8.32
N PRO A 326 -12.33 2.95 -7.89
CA PRO A 326 -13.71 2.55 -8.14
C PRO A 326 -14.10 2.66 -9.63
N LEU A 327 -14.79 1.65 -10.13
CA LEU A 327 -15.24 1.65 -11.53
C LEU A 327 -15.98 2.93 -11.87
N ALA A 328 -16.91 3.35 -11.01
CA ALA A 328 -17.67 4.56 -11.33
C ALA A 328 -16.79 5.79 -11.53
N ASP A 329 -15.72 5.91 -10.76
CA ASP A 329 -14.83 7.09 -10.86
C ASP A 329 -13.96 7.01 -12.13
N LEU A 330 -13.51 5.79 -12.48
CA LEU A 330 -12.74 5.59 -13.68
C LEU A 330 -13.60 5.95 -14.91
N LEU A 331 -14.85 5.48 -14.92
CA LEU A 331 -15.78 5.82 -16.01
C LEU A 331 -15.98 7.33 -16.20
N LYS A 332 -16.08 8.07 -15.10
CA LYS A 332 -16.36 9.52 -15.11
C LYS A 332 -15.18 10.33 -15.65
N THR A 333 -14.00 9.71 -15.65
CA THR A 333 -12.77 10.38 -16.01
C THR A 333 -12.17 9.91 -17.32
N ALA A 334 -12.67 8.80 -17.87
CA ALA A 334 -12.06 8.17 -19.03
C ALA A 334 -11.98 9.12 -20.28
N ALA A 335 -13.00 9.94 -20.46
CA ALA A 335 -13.03 10.83 -21.64
C ALA A 335 -11.95 11.91 -21.64
N ARG A 336 -11.33 12.18 -20.49
CA ARG A 336 -10.24 13.09 -20.37
C ARG A 336 -8.87 12.50 -20.71
N LEU A 337 -8.79 11.17 -20.93
CA LEU A 337 -7.52 10.56 -21.23
C LEU A 337 -7.08 10.98 -22.63
N GLN A 338 -5.82 11.35 -22.73
CA GLN A 338 -5.31 11.86 -23.98
C GLN A 338 -4.20 11.00 -24.55
N PRO A 339 -4.02 11.07 -25.89
CA PRO A 339 -2.87 10.44 -26.53
C PRO A 339 -1.59 11.09 -26.14
N VAL A 340 -0.49 10.35 -26.34
CA VAL A 340 0.82 10.97 -26.23
C VAL A 340 0.88 11.92 -27.44
N CYS A 341 1.36 13.15 -27.22
CA CYS A 341 1.33 14.18 -28.24
C CYS A 341 1.99 13.63 -29.56
N GLY A 342 1.27 13.78 -30.68
CA GLY A 342 1.82 13.37 -31.95
C GLY A 342 1.90 11.88 -32.13
N ARG A 343 1.22 11.11 -31.27
CA ARG A 343 1.07 9.68 -31.44
C ARG A 343 -0.36 9.34 -31.72
N MET A 344 -0.67 9.04 -33.00
CA MET A 344 -2.07 8.79 -33.47
C MET A 344 -3.01 9.86 -32.87
N GLU A 345 -2.59 11.12 -32.95
CA GLU A 345 -3.28 12.21 -32.30
C GLU A 345 -4.36 12.78 -33.21
N VAL A 346 -5.63 12.64 -32.84
CA VAL A 346 -6.76 12.95 -33.71
C VAL A 346 -7.21 14.41 -33.57
N PHE A 347 -7.47 15.00 -34.74
CA PHE A 347 -7.95 16.40 -34.84
C PHE A 347 -9.25 16.29 -35.62
N THR A 348 -10.34 16.68 -34.96
CA THR A 348 -11.65 16.73 -35.60
C THR A 348 -12.17 18.14 -35.48
N ALA A 349 -13.04 18.49 -36.40
CA ALA A 349 -13.69 19.77 -36.30
C ALA A 349 -15.03 19.50 -36.94
N PRO A 350 -16.09 20.20 -36.45
CA PRO A 350 -17.42 20.04 -37.03
C PRO A 350 -17.37 20.08 -38.54
N GLY A 351 -17.90 19.03 -39.16
CA GLY A 351 -18.09 18.97 -40.58
C GLY A 351 -16.86 18.90 -41.46
N LYS A 352 -15.68 18.59 -40.89
CA LYS A 352 -14.42 18.52 -41.64
C LYS A 352 -13.90 17.08 -41.66
N PRO A 353 -12.97 16.68 -42.54
CA PRO A 353 -12.34 15.36 -42.47
C PRO A 353 -11.60 15.22 -41.16
N THR A 354 -11.48 13.98 -40.69
CA THR A 354 -10.66 13.70 -39.51
C THR A 354 -9.20 13.70 -39.88
N VAL A 355 -8.34 14.29 -39.04
CA VAL A 355 -6.94 14.36 -39.40
C VAL A 355 -6.19 13.77 -38.22
N VAL A 356 -5.31 12.81 -38.51
CA VAL A 356 -4.47 12.17 -37.48
C VAL A 356 -3.04 12.55 -37.72
N VAL A 357 -2.35 13.07 -36.69
CA VAL A 357 -0.97 13.35 -36.77
C VAL A 357 -0.23 12.26 -36.01
N ASP A 358 0.71 11.62 -36.69
CA ASP A 358 1.49 10.52 -36.07
C ASP A 358 2.93 10.61 -36.45
N TYR A 359 3.83 10.21 -35.52
CA TYR A 359 5.24 10.31 -35.77
C TYR A 359 5.81 9.25 -36.71
N ALA A 360 4.99 8.28 -37.14
CA ALA A 360 5.44 7.18 -38.00
C ALA A 360 6.42 7.62 -39.07
N HIS A 361 7.64 7.09 -38.98
CA HIS A 361 8.68 7.43 -39.98
C HIS A 361 9.51 6.21 -40.48
N THR A 362 8.93 5.01 -40.38
CA THR A 362 9.49 3.76 -40.89
C THR A 362 8.39 2.99 -41.59
N PRO A 363 8.73 2.02 -42.47
CA PRO A 363 7.71 1.21 -43.12
C PRO A 363 6.77 0.54 -42.12
N ASP A 364 7.31 -0.13 -41.10
CA ASP A 364 6.45 -0.81 -40.13
C ASP A 364 5.50 0.16 -39.36
N ALA A 365 6.04 1.28 -38.90
CA ALA A 365 5.28 2.28 -38.13
C ALA A 365 4.19 2.88 -39.03
N LEU A 366 4.54 3.19 -40.29
CA LEU A 366 3.59 3.73 -41.25
C LEU A 366 2.49 2.78 -41.55
N GLU A 367 2.84 1.51 -41.77
CA GLU A 367 1.84 0.48 -41.96
C GLU A 367 0.87 0.41 -40.77
N LYS A 368 1.40 0.37 -39.56
CA LYS A 368 0.56 0.24 -38.36
C LYS A 368 -0.37 1.46 -38.21
N ALA A 369 0.18 2.65 -38.48
CA ALA A 369 -0.57 3.88 -38.36
C ALA A 369 -1.74 3.92 -39.35
N LEU A 370 -1.46 3.49 -40.59
CA LEU A 370 -2.49 3.41 -41.62
C LEU A 370 -3.59 2.38 -41.31
N GLN A 371 -3.17 1.21 -40.83
CA GLN A 371 -4.13 0.20 -40.38
C GLN A 371 -5.03 0.65 -39.23
N ALA A 372 -4.45 1.38 -38.29
CA ALA A 372 -5.19 1.98 -37.18
C ALA A 372 -6.18 3.03 -37.66
N ALA A 373 -5.70 3.97 -38.49
CA ALA A 373 -6.54 5.02 -39.05
C ALA A 373 -7.71 4.46 -39.85
N ARG A 374 -7.45 3.40 -40.61
CA ARG A 374 -8.44 2.81 -41.49
C ARG A 374 -9.73 2.39 -40.72
N LEU A 375 -9.54 1.93 -39.47
CA LEU A 375 -10.66 1.49 -38.66
C LEU A 375 -11.68 2.59 -38.40
N HIS A 376 -11.19 3.83 -38.36
CA HIS A 376 -11.99 4.96 -38.05
C HIS A 376 -12.52 5.72 -39.32
N CYS A 377 -12.23 5.17 -40.49
CA CYS A 377 -12.38 5.86 -41.79
C CYS A 377 -13.57 5.27 -42.58
N ALA A 378 -14.67 6.00 -42.62
CA ALA A 378 -15.86 5.62 -43.42
C ALA A 378 -15.62 5.82 -44.93
N GLY A 379 -14.80 6.81 -45.25
CA GLY A 379 -14.53 7.20 -46.62
C GLY A 379 -13.22 6.76 -47.12
N LYS A 380 -12.46 7.74 -47.68
CA LYS A 380 -11.13 7.49 -48.19
C LYS A 380 -10.10 7.85 -47.13
N LEU A 381 -9.04 7.06 -47.06
CA LEU A 381 -7.88 7.30 -46.18
C LEU A 381 -6.77 7.91 -47.02
N TRP A 382 -6.36 9.12 -46.62
CA TRP A 382 -5.27 9.86 -47.22
C TRP A 382 -4.03 9.72 -46.37
N CYS A 383 -2.85 9.66 -46.97
CA CYS A 383 -1.60 9.60 -46.28
C CYS A 383 -0.65 10.63 -46.83
N VAL A 384 -0.30 11.61 -45.98
CA VAL A 384 0.66 12.65 -46.31
C VAL A 384 1.97 12.35 -45.59
N PHE A 385 3.05 12.24 -46.36
CA PHE A 385 4.30 11.82 -45.76
C PHE A 385 5.48 12.09 -46.72
N GLY A 386 6.67 12.05 -46.14
CA GLY A 386 7.92 12.16 -46.86
C GLY A 386 8.96 11.40 -46.11
N CYS A 387 10.19 11.49 -46.59
CA CYS A 387 11.32 10.86 -45.89
C CYS A 387 12.47 11.81 -45.77
N GLY A 388 13.26 11.63 -44.70
CA GLY A 388 14.37 12.49 -44.38
C GLY A 388 15.50 12.41 -45.36
N GLY A 389 16.03 13.58 -45.71
CA GLY A 389 17.17 13.67 -46.57
C GLY A 389 18.45 13.38 -45.76
N ASP A 390 19.52 13.03 -46.51
CA ASP A 390 20.86 12.75 -45.95
C ASP A 390 20.81 11.70 -44.87
N ARG A 391 19.99 10.67 -45.09
CA ARG A 391 19.86 9.55 -44.21
C ARG A 391 19.71 8.37 -45.11
N ASP A 392 19.72 7.17 -44.53
CA ASP A 392 19.62 5.95 -45.30
C ASP A 392 18.37 6.02 -46.19
N LYS A 393 18.56 5.65 -47.44
CA LYS A 393 17.60 5.77 -48.48
C LYS A 393 16.71 4.57 -48.58
N GLY A 394 17.09 3.47 -47.91
CA GLY A 394 16.45 2.19 -48.11
C GLY A 394 14.96 2.18 -47.80
N LYS A 395 14.55 2.93 -46.77
CA LYS A 395 13.14 2.92 -46.40
C LYS A 395 12.22 3.60 -47.40
N ARG A 396 12.78 4.44 -48.28
CA ARG A 396 11.98 5.32 -49.15
C ARG A 396 11.02 4.54 -50.02
N PRO A 397 11.47 3.61 -50.89
CA PRO A 397 10.51 2.86 -51.71
C PRO A 397 9.57 1.94 -50.87
N LEU A 398 10.05 1.47 -49.73
CA LEU A 398 9.24 0.59 -48.82
C LEU A 398 8.06 1.41 -48.26
N MET A 399 8.34 2.65 -47.89
CA MET A 399 7.25 3.56 -47.39
C MET A 399 6.32 3.94 -48.50
N GLY A 400 6.88 4.17 -49.73
CA GLY A 400 6.01 4.36 -50.88
C GLY A 400 5.04 3.19 -51.13
N ALA A 401 5.56 1.96 -51.11
CA ALA A 401 4.70 0.77 -51.35
C ALA A 401 3.60 0.63 -50.29
N ILE A 402 3.97 0.86 -49.04
CA ILE A 402 3.06 0.87 -47.87
C ILE A 402 1.92 1.90 -48.00
N ALA A 403 2.31 3.15 -48.33
CA ALA A 403 1.30 4.19 -48.56
C ALA A 403 0.35 3.85 -49.67
N GLU A 404 0.88 3.31 -50.78
CA GLU A 404 0.05 2.93 -51.89
C GLU A 404 -0.93 1.78 -51.52
N GLU A 405 -0.42 0.83 -50.74
CA GLU A 405 -1.20 -0.35 -50.40
C GLU A 405 -2.29 -0.04 -49.37
N PHE A 406 -1.92 0.65 -48.30
CA PHE A 406 -2.75 0.81 -47.10
C PHE A 406 -3.54 2.13 -47.04
N ALA A 407 -3.19 3.10 -47.90
CA ALA A 407 -4.05 4.26 -48.10
C ALA A 407 -4.73 4.20 -49.43
N ASP A 408 -5.80 4.99 -49.57
CA ASP A 408 -6.47 5.22 -50.82
C ASP A 408 -5.82 6.33 -51.62
N VAL A 409 -5.31 7.35 -50.94
CA VAL A 409 -4.66 8.51 -51.60
C VAL A 409 -3.30 8.75 -50.92
N ALA A 410 -2.19 8.60 -51.65
CA ALA A 410 -0.87 8.88 -51.11
C ALA A 410 -0.46 10.27 -51.58
N VAL A 411 -0.19 11.18 -50.64
CA VAL A 411 0.30 12.50 -50.95
C VAL A 411 1.77 12.57 -50.48
N VAL A 412 2.72 12.50 -51.41
CA VAL A 412 4.14 12.48 -51.12
C VAL A 412 4.69 13.89 -51.08
N THR A 413 5.35 14.21 -49.97
CA THR A 413 5.86 15.54 -49.76
C THR A 413 7.21 15.48 -49.11
N ASP A 414 7.68 16.63 -48.63
CA ASP A 414 8.95 16.79 -47.94
C ASP A 414 8.86 16.53 -46.44
N ASP A 415 9.94 15.95 -45.88
CA ASP A 415 10.13 15.74 -44.44
C ASP A 415 11.62 15.81 -44.08
N ASN A 416 12.07 16.98 -43.66
CA ASN A 416 13.47 17.22 -43.31
C ASN A 416 14.37 16.83 -44.47
N PRO A 417 14.23 17.48 -45.65
CA PRO A 417 15.10 17.14 -46.79
C PRO A 417 16.57 17.49 -46.52
N ARG A 418 16.85 18.37 -45.55
CA ARG A 418 18.24 18.71 -45.18
C ARG A 418 18.89 19.23 -46.44
N THR A 419 20.06 18.72 -46.81
CA THR A 419 20.81 19.28 -47.94
C THR A 419 20.55 18.52 -49.22
N GLU A 420 19.81 17.41 -49.14
CA GLU A 420 19.46 16.58 -50.30
C GLU A 420 18.33 17.25 -51.15
N GLU A 421 18.44 17.12 -52.48
CA GLU A 421 17.49 17.67 -53.39
C GLU A 421 16.11 17.10 -53.04
N PRO A 422 15.12 17.93 -52.66
CA PRO A 422 13.84 17.40 -52.14
C PRO A 422 13.17 16.44 -53.09
N ARG A 423 13.05 16.84 -54.37
CA ARG A 423 12.42 15.99 -55.38
C ARG A 423 13.10 14.63 -55.61
N ALA A 424 14.41 14.53 -55.40
CA ALA A 424 15.11 13.25 -55.48
C ALA A 424 14.65 12.26 -54.44
N ILE A 425 14.35 12.76 -53.23
CA ILE A 425 13.83 11.91 -52.14
C ILE A 425 12.47 11.39 -52.57
N ILE A 426 11.62 12.30 -53.09
CA ILE A 426 10.30 11.95 -53.52
C ILE A 426 10.34 10.88 -54.62
N ASN A 427 11.29 11.04 -55.56
CA ASN A 427 11.46 10.04 -56.60
C ASN A 427 11.73 8.61 -56.07
N ASP A 428 12.58 8.51 -55.04
CA ASP A 428 12.93 7.27 -54.42
C ASP A 428 11.72 6.60 -53.79
N ILE A 429 10.82 7.45 -53.26
CA ILE A 429 9.61 6.98 -52.63
C ILE A 429 8.69 6.39 -53.69
N LEU A 430 8.46 7.17 -54.76
CA LEU A 430 7.61 6.84 -55.85
C LEU A 430 8.09 5.57 -56.56
N ALA A 431 9.40 5.36 -56.58
CA ALA A 431 10.01 4.22 -57.26
C ALA A 431 9.55 2.92 -56.65
N GLY A 432 9.21 2.94 -55.35
CA GLY A 432 8.66 1.76 -54.70
C GLY A 432 7.22 1.43 -55.00
N MET A 433 6.50 2.31 -55.70
CA MET A 433 5.10 2.09 -55.95
C MET A 433 4.91 1.28 -57.23
N LEU A 434 3.85 0.46 -57.26
CA LEU A 434 3.40 -0.22 -58.48
C LEU A 434 2.93 0.81 -59.51
N ASP A 435 2.24 1.84 -59.04
CA ASP A 435 1.60 2.81 -59.91
C ASP A 435 1.85 4.21 -59.36
N ALA A 436 3.07 4.69 -59.55
CA ALA A 436 3.45 6.00 -59.03
C ALA A 436 2.61 7.14 -59.56
N GLY A 437 2.09 7.01 -60.79
CA GLY A 437 1.26 8.05 -61.35
C GLY A 437 -0.02 8.26 -60.56
N HIS A 438 -0.43 7.26 -59.77
CA HIS A 438 -1.61 7.36 -58.89
C HIS A 438 -1.32 8.16 -57.59
N ALA A 439 -0.04 8.24 -57.22
CA ALA A 439 0.36 9.08 -56.09
C ALA A 439 0.25 10.54 -56.45
N LYS A 440 0.04 11.39 -55.44
CA LYS A 440 -0.06 12.83 -55.61
C LYS A 440 1.23 13.27 -55.01
N VAL A 441 1.90 14.23 -55.65
CA VAL A 441 3.08 14.81 -55.10
C VAL A 441 2.80 16.27 -54.90
N MET A 442 3.26 16.83 -53.77
N MET A 442 3.26 16.82 -53.77
CA MET A 442 3.09 18.23 -53.50
CA MET A 442 3.09 18.21 -53.50
C MET A 442 4.17 18.65 -52.59
C MET A 442 4.19 18.63 -52.59
N GLU A 443 4.97 19.61 -53.04
CA GLU A 443 6.02 20.18 -52.29
C GLU A 443 5.60 21.53 -51.93
N GLY A 444 6.38 21.99 -50.96
CA GLY A 444 6.17 22.24 -49.59
C GLY A 444 5.30 21.29 -48.81
N ARG A 445 5.76 20.94 -47.60
CA ARG A 445 4.94 20.12 -46.70
C ARG A 445 3.67 20.80 -46.25
N ALA A 446 3.74 22.06 -45.85
CA ALA A 446 2.51 22.76 -45.43
C ALA A 446 1.44 22.68 -46.56
N GLU A 447 1.91 22.85 -47.81
CA GLU A 447 1.03 22.85 -48.96
C GLU A 447 0.41 21.49 -49.18
N ALA A 448 1.22 20.44 -48.99
CA ALA A 448 0.72 19.02 -49.12
C ALA A 448 -0.31 18.72 -48.09
N VAL A 449 -0.04 19.13 -46.85
CA VAL A 449 -0.98 18.88 -45.76
C VAL A 449 -2.28 19.56 -46.15
N THR A 450 -2.17 20.80 -46.61
CA THR A 450 -3.35 21.62 -46.95
C THR A 450 -4.15 20.97 -48.09
N CYS A 451 -3.44 20.49 -49.11
N CYS A 451 -3.42 20.48 -49.10
CA CYS A 451 -4.05 19.77 -50.21
CA CYS A 451 -4.02 19.76 -50.22
C CYS A 451 -4.93 18.63 -49.75
C CYS A 451 -4.92 18.62 -49.76
N ALA A 452 -4.40 17.79 -48.86
CA ALA A 452 -5.15 16.67 -48.34
C ALA A 452 -6.32 17.11 -47.52
N VAL A 453 -6.08 18.00 -46.56
CA VAL A 453 -7.13 18.41 -45.63
C VAL A 453 -8.28 19.12 -46.36
N MET A 454 -7.93 19.97 -47.33
CA MET A 454 -8.96 20.78 -48.02
C MET A 454 -9.68 20.02 -49.07
N GLN A 455 -9.09 18.93 -49.60
CA GLN A 455 -9.73 18.12 -50.65
C GLN A 455 -10.48 16.92 -50.07
N ALA A 456 -10.06 16.47 -48.88
CA ALA A 456 -10.67 15.28 -48.32
C ALA A 456 -12.13 15.59 -48.02
N LYS A 457 -12.98 14.57 -48.14
CA LYS A 457 -14.37 14.65 -47.74
C LYS A 457 -14.59 14.53 -46.25
N GLU A 458 -15.81 14.86 -45.80
CA GLU A 458 -16.14 14.96 -44.38
C GLU A 458 -15.96 13.60 -43.69
N ASN A 459 -16.21 12.51 -44.40
CA ASN A 459 -16.06 11.17 -43.81
C ASN A 459 -14.72 10.50 -44.11
N ASP A 460 -13.82 11.26 -44.71
CA ASP A 460 -12.45 10.78 -44.97
C ASP A 460 -11.58 10.94 -43.72
N VAL A 461 -10.44 10.24 -43.72
CA VAL A 461 -9.43 10.44 -42.67
C VAL A 461 -8.12 10.73 -43.42
N VAL A 462 -7.39 11.71 -42.92
CA VAL A 462 -6.09 12.09 -43.43
C VAL A 462 -5.03 11.81 -42.35
N LEU A 463 -4.12 10.88 -42.65
CA LEU A 463 -2.97 10.64 -41.78
C LEU A 463 -1.79 11.49 -42.24
N VAL A 464 -1.30 12.34 -41.35
CA VAL A 464 -0.11 13.18 -41.55
C VAL A 464 0.99 12.55 -40.74
N ALA A 465 1.88 11.86 -41.45
CA ALA A 465 2.88 11.00 -40.80
C ALA A 465 4.28 11.56 -40.90
N GLY A 466 5.04 11.32 -39.83
CA GLY A 466 6.47 11.51 -39.89
C GLY A 466 7.10 12.40 -38.89
N LYS A 467 6.30 13.31 -38.31
CA LYS A 467 6.80 14.33 -37.44
C LYS A 467 6.25 14.21 -36.02
N GLY A 468 4.97 13.83 -35.90
CA GLY A 468 4.32 13.77 -34.58
C GLY A 468 4.38 15.15 -33.93
N HIS A 469 5.13 15.27 -32.81
CA HIS A 469 5.26 16.55 -32.06
C HIS A 469 6.48 17.44 -32.43
N GLU A 470 7.26 17.01 -33.43
CA GLU A 470 8.52 17.64 -33.74
C GLU A 470 8.28 18.83 -34.62
N ASP A 471 8.32 20.01 -33.99
CA ASP A 471 7.93 21.31 -34.55
C ASP A 471 9.02 22.06 -35.33
N TYR A 472 9.63 21.37 -36.30
CA TYR A 472 10.61 21.97 -37.18
C TYR A 472 10.66 21.18 -38.48
N GLN A 473 11.16 21.85 -39.52
CA GLN A 473 11.39 21.27 -40.85
C GLN A 473 12.80 21.71 -41.22
N ILE A 474 13.70 20.74 -41.34
CA ILE A 474 15.09 21.03 -41.64
C ILE A 474 15.24 21.15 -43.15
N VAL A 475 15.48 22.38 -43.62
CA VAL A 475 15.73 22.64 -45.06
C VAL A 475 17.12 23.28 -45.15
N GLY A 476 18.06 22.60 -45.82
CA GLY A 476 19.46 23.00 -45.81
C GLY A 476 20.02 22.60 -44.47
N ASN A 477 20.52 23.59 -43.73
CA ASN A 477 20.95 23.45 -42.36
C ASN A 477 20.14 24.37 -41.42
N GLN A 478 19.01 24.89 -41.92
CA GLN A 478 18.06 25.71 -41.15
C GLN A 478 17.00 24.80 -40.52
N ARG A 479 16.77 24.95 -39.20
CA ARG A 479 15.58 24.41 -38.57
C ARG A 479 14.45 25.46 -38.65
N LEU A 480 13.59 25.30 -39.64
CA LEU A 480 12.49 26.20 -39.83
C LEU A 480 11.37 25.86 -38.87
N ASP A 481 10.69 26.91 -38.38
CA ASP A 481 9.57 26.77 -37.49
C ASP A 481 8.44 26.20 -38.33
N TYR A 482 7.99 25.00 -37.95
CA TYR A 482 6.94 24.33 -38.70
C TYR A 482 6.42 23.20 -37.85
N SER A 483 5.07 23.11 -37.74
CA SER A 483 4.42 22.05 -37.01
C SER A 483 3.26 21.48 -37.84
N ASP A 484 3.22 20.16 -38.01
CA ASP A 484 2.12 19.46 -38.62
C ASP A 484 0.88 19.76 -37.77
N ARG A 485 1.04 19.70 -36.43
CA ARG A 485 -0.12 19.89 -35.56
C ARG A 485 -0.78 21.27 -35.72
N VAL A 486 0.05 22.31 -35.77
CA VAL A 486 -0.42 23.67 -35.90
C VAL A 486 -0.99 23.87 -37.29
N THR A 487 -0.35 23.31 -38.32
CA THR A 487 -0.88 23.44 -39.65
C THR A 487 -2.32 22.89 -39.74
N VAL A 488 -2.49 21.66 -39.22
CA VAL A 488 -3.72 20.94 -39.27
C VAL A 488 -4.75 21.75 -38.45
N ALA A 489 -4.34 22.16 -37.25
CA ALA A 489 -5.27 22.86 -36.33
C ALA A 489 -5.86 24.13 -37.00
N ARG A 490 -4.98 24.92 -37.65
CA ARG A 490 -5.41 26.12 -38.34
C ARG A 490 -6.33 25.83 -39.45
N LEU A 491 -6.04 24.81 -40.27
CA LEU A 491 -6.97 24.42 -41.33
C LEU A 491 -8.37 23.99 -40.86
N LEU A 492 -8.40 23.31 -39.71
CA LEU A 492 -9.63 22.77 -39.19
C LEU A 492 -10.40 23.82 -38.37
N GLY A 493 -9.74 24.93 -38.03
CA GLY A 493 -10.33 25.93 -37.14
C GLY A 493 -10.33 25.50 -35.68
N VAL A 494 -9.33 24.69 -35.30
CA VAL A 494 -9.14 24.27 -33.92
C VAL A 494 -7.81 24.74 -33.37
N ILE A 495 -7.50 24.33 -32.14
CA ILE A 495 -6.32 24.79 -31.43
C ILE A 495 -5.39 23.61 -31.12
N ALA A 496 -4.16 23.66 -31.63
CA ALA A 496 -3.14 22.64 -31.37
C ALA A 496 -2.64 22.79 -29.94
N ARG B 5 -18.32 16.91 -0.45
CA ARG B 5 -19.17 15.70 -0.50
C ARG B 5 -20.52 15.96 -1.17
N ASN B 6 -20.91 15.05 -2.06
CA ASN B 6 -22.15 15.18 -2.81
C ASN B 6 -22.86 13.82 -2.86
N LEU B 7 -24.17 13.81 -2.61
CA LEU B 7 -24.97 12.60 -2.66
C LEU B 7 -24.74 11.80 -3.91
N ARG B 8 -24.61 12.48 -5.06
CA ARG B 8 -24.55 11.79 -6.35
C ARG B 8 -23.21 11.08 -6.50
N ASP B 9 -22.12 11.79 -6.21
CA ASP B 9 -20.77 11.16 -6.19
C ASP B 9 -20.75 10.03 -5.14
N LEU B 10 -21.24 10.32 -3.93
CA LEU B 10 -21.26 9.33 -2.86
C LEU B 10 -21.86 8.04 -3.32
N LEU B 11 -23.01 8.13 -4.02
CA LEU B 11 -23.78 6.95 -4.39
C LEU B 11 -23.47 6.35 -5.77
N ALA B 12 -22.62 7.02 -6.55
CA ALA B 12 -22.30 6.59 -7.92
C ALA B 12 -22.01 5.11 -8.13
N PRO B 13 -21.26 4.41 -7.25
CA PRO B 13 -21.05 2.98 -7.41
C PRO B 13 -22.28 2.16 -7.36
N TRP B 14 -23.33 2.64 -6.68
CA TRP B 14 -24.52 1.83 -6.37
C TRP B 14 -25.84 2.34 -7.00
N VAL B 15 -26.02 3.66 -7.03
CA VAL B 15 -27.29 4.31 -7.44
C VAL B 15 -26.93 5.32 -8.53
N PRO B 16 -27.02 4.92 -9.81
CA PRO B 16 -26.63 5.79 -10.93
C PRO B 16 -27.42 7.11 -11.02
N ASP B 17 -28.69 7.06 -10.61
CA ASP B 17 -29.62 8.16 -10.85
C ASP B 17 -29.78 9.10 -9.68
N ALA B 18 -28.85 9.09 -8.72
CA ALA B 18 -29.05 9.83 -7.51
C ALA B 18 -28.88 11.33 -7.76
N PRO B 19 -29.72 12.19 -7.16
CA PRO B 19 -29.61 13.63 -7.35
C PRO B 19 -28.33 14.20 -6.78
N SER B 20 -27.80 15.26 -7.42
CA SER B 20 -26.72 16.05 -6.84
C SER B 20 -27.28 16.85 -5.67
N ARG B 21 -26.48 16.96 -4.60
CA ARG B 21 -26.84 17.62 -3.36
C ARG B 21 -25.63 17.60 -2.47
N ALA B 22 -25.13 18.79 -2.14
CA ALA B 22 -23.93 18.90 -1.34
C ALA B 22 -24.27 18.36 0.04
N LEU B 23 -23.32 17.65 0.67
CA LEU B 23 -23.53 17.08 2.00
C LEU B 23 -22.45 17.57 2.96
N ARG B 24 -22.81 17.75 4.23
CA ARG B 24 -21.88 18.17 5.26
C ARG B 24 -21.28 16.95 5.99
N GLU B 25 -21.97 16.44 7.00
CA GLU B 25 -21.53 15.27 7.78
C GLU B 25 -22.52 14.14 7.63
N MET B 26 -22.09 12.93 7.98
CA MET B 26 -22.94 11.73 7.93
C MET B 26 -23.26 11.34 9.34
N THR B 27 -24.53 11.13 9.65
CA THR B 27 -24.90 10.66 10.97
C THR B 27 -26.05 9.67 10.98
N LEU B 28 -26.03 8.78 11.96
CA LEU B 28 -27.12 7.85 12.24
C LEU B 28 -28.08 8.40 13.29
N ASP B 29 -27.74 9.56 13.87
CA ASP B 29 -28.47 10.10 15.00
C ASP B 29 -29.29 11.31 14.58
N SER B 30 -30.61 11.11 14.44
CA SER B 30 -31.54 12.18 14.11
C SER B 30 -31.45 13.37 15.08
N ARG B 31 -30.99 13.12 16.32
CA ARG B 31 -30.84 14.20 17.29
C ARG B 31 -29.72 15.18 16.98
N VAL B 32 -28.68 14.74 16.27
CA VAL B 32 -27.61 15.67 15.88
C VAL B 32 -27.59 16.02 14.40
N ALA B 33 -28.45 15.38 13.63
CA ALA B 33 -28.61 15.68 12.21
C ALA B 33 -28.88 17.18 11.99
N ALA B 34 -27.83 17.93 11.65
CA ALA B 34 -27.88 19.36 11.30
C ALA B 34 -28.23 19.64 9.82
N ALA B 35 -28.50 20.91 9.51
CA ALA B 35 -28.77 21.34 8.15
C ALA B 35 -27.59 21.01 7.26
N GLY B 36 -27.88 20.50 6.07
CA GLY B 36 -26.86 20.06 5.14
C GLY B 36 -26.35 18.62 5.35
N ASP B 37 -26.76 17.94 6.43
CA ASP B 37 -26.24 16.58 6.73
C ASP B 37 -26.88 15.49 5.91
N LEU B 38 -26.21 14.34 5.91
CA LEU B 38 -26.75 13.12 5.42
C LEU B 38 -27.14 12.36 6.67
N PHE B 39 -28.44 12.10 6.82
CA PHE B 39 -28.96 11.25 7.88
C PHE B 39 -29.13 9.86 7.28
N VAL B 40 -28.65 8.85 7.99
CA VAL B 40 -28.79 7.48 7.56
C VAL B 40 -29.71 6.78 8.55
N ALA B 41 -30.78 6.20 8.03
CA ALA B 41 -31.87 5.63 8.82
C ALA B 41 -31.81 4.15 8.75
N VAL B 42 -31.30 3.54 9.82
CA VAL B 42 -31.04 2.11 9.89
C VAL B 42 -31.94 1.42 10.88
N VAL B 43 -32.17 0.12 10.67
CA VAL B 43 -33.03 -0.67 11.54
C VAL B 43 -32.12 -1.58 12.31
N GLY B 44 -32.25 -1.56 13.64
CA GLY B 44 -31.32 -2.24 14.52
C GLY B 44 -31.96 -2.81 15.76
N HIS B 45 -32.50 -4.03 15.63
CA HIS B 45 -32.99 -4.92 16.72
C HIS B 45 -34.00 -4.37 17.76
N GLN B 46 -33.78 -3.14 18.28
CA GLN B 46 -34.78 -2.44 19.09
C GLN B 46 -35.11 -1.02 18.64
N ALA B 47 -34.67 -0.62 17.45
CA ALA B 47 -34.92 0.73 16.96
C ALA B 47 -35.00 0.75 15.45
N ASP B 48 -35.95 1.55 14.93
CA ASP B 48 -36.04 1.81 13.49
C ASP B 48 -35.85 3.30 13.23
N GLY B 49 -34.64 3.69 12.78
CA GLY B 49 -34.34 5.07 12.42
C GLY B 49 -35.22 5.73 11.36
N ARG B 50 -35.93 4.92 10.55
CA ARG B 50 -36.86 5.48 9.55
C ARG B 50 -38.02 6.23 10.27
N ARG B 51 -38.35 5.78 11.48
CA ARG B 51 -39.28 6.49 12.36
C ARG B 51 -38.92 7.96 12.46
N TYR B 52 -37.62 8.26 12.53
CA TYR B 52 -37.13 9.63 12.73
C TYR B 52 -36.85 10.46 11.46
N ILE B 53 -37.30 9.96 10.30
CA ILE B 53 -37.12 10.68 9.02
C ILE B 53 -37.80 12.04 9.05
N PRO B 54 -39.08 12.13 9.52
CA PRO B 54 -39.75 13.42 9.71
C PRO B 54 -38.90 14.42 10.50
N GLN B 55 -38.40 14.05 11.69
CA GLN B 55 -37.59 14.96 12.53
C GLN B 55 -36.37 15.48 11.79
N ALA B 56 -35.61 14.55 11.18
CA ALA B 56 -34.39 14.88 10.44
C ALA B 56 -34.68 15.86 9.33
N ILE B 57 -35.73 15.56 8.54
CA ILE B 57 -36.18 16.44 7.47
C ILE B 57 -36.50 17.83 8.05
N ALA B 58 -37.18 17.84 9.20
CA ALA B 58 -37.57 19.07 9.88
C ALA B 58 -36.36 19.82 10.42
N GLN B 59 -35.28 19.10 10.73
CA GLN B 59 -34.05 19.73 11.16
C GLN B 59 -33.17 20.17 9.98
N GLY B 60 -33.69 19.97 8.76
CA GLY B 60 -33.10 20.47 7.52
C GLY B 60 -32.03 19.62 6.83
N VAL B 61 -32.03 18.31 7.06
CA VAL B 61 -30.97 17.47 6.44
C VAL B 61 -31.02 17.62 4.92
N ALA B 62 -29.86 17.54 4.26
CA ALA B 62 -29.77 17.63 2.79
C ALA B 62 -30.30 16.38 2.13
N ALA B 63 -30.07 15.23 2.75
CA ALA B 63 -30.43 13.94 2.17
C ALA B 63 -30.53 12.86 3.21
N ILE B 64 -31.20 11.78 2.84
CA ILE B 64 -31.38 10.61 3.69
C ILE B 64 -31.11 9.34 2.88
N ILE B 65 -30.36 8.41 3.51
CA ILE B 65 -30.26 7.03 3.05
C ILE B 65 -30.98 6.17 4.07
N ALA B 66 -31.86 5.27 3.61
CA ALA B 66 -32.73 4.49 4.51
C ALA B 66 -32.83 3.02 4.20
N GLU B 67 -33.02 2.20 5.24
CA GLU B 67 -33.21 0.76 5.07
C GLU B 67 -34.40 0.54 4.12
N ALA B 68 -34.22 -0.28 3.06
CA ALA B 68 -35.29 -0.56 2.09
C ALA B 68 -36.34 -1.61 2.56
N LYS B 69 -35.94 -2.45 3.54
CA LYS B 69 -36.74 -3.55 4.07
C LYS B 69 -38.19 -3.15 4.36
N ASP B 70 -39.13 -3.83 3.69
CA ASP B 70 -40.59 -3.63 3.83
C ASP B 70 -41.18 -2.36 3.21
N GLU B 71 -40.33 -1.44 2.78
CA GLU B 71 -40.76 -0.08 2.49
C GLU B 71 -40.47 0.31 1.04
N ALA B 72 -39.41 -0.26 0.45
CA ALA B 72 -38.94 0.16 -0.86
C ALA B 72 -38.07 -0.89 -1.52
N THR B 73 -37.71 -0.63 -2.77
CA THR B 73 -36.73 -1.47 -3.46
C THR B 73 -35.34 -0.85 -3.32
N ASP B 74 -34.31 -1.67 -3.55
CA ASP B 74 -32.92 -1.25 -3.44
C ASP B 74 -32.63 -0.23 -4.52
N GLY B 75 -32.10 0.92 -4.12
CA GLY B 75 -31.77 1.99 -5.02
C GLY B 75 -32.95 2.91 -5.32
N GLU B 76 -34.07 2.69 -4.64
CA GLU B 76 -35.27 3.48 -4.93
C GLU B 76 -35.05 4.88 -4.43
N ILE B 77 -35.22 5.85 -5.33
CA ILE B 77 -35.11 7.27 -4.99
C ILE B 77 -36.51 7.90 -4.86
N ARG B 78 -36.80 8.38 -3.64
CA ARG B 78 -38.00 9.12 -3.30
C ARG B 78 -37.58 10.46 -2.72
N GLU B 79 -38.56 11.35 -2.51
CA GLU B 79 -38.32 12.71 -2.12
C GLU B 79 -39.47 13.08 -1.17
N MET B 80 -39.10 13.61 0.00
CA MET B 80 -40.06 14.08 0.98
C MET B 80 -39.67 15.49 1.35
N HIS B 81 -40.61 16.43 1.19
CA HIS B 81 -40.45 17.84 1.56
C HIS B 81 -39.17 18.46 0.98
N GLY B 82 -38.88 18.10 -0.27
CA GLY B 82 -37.70 18.59 -0.98
C GLY B 82 -36.39 17.89 -0.62
N VAL B 83 -36.46 16.81 0.15
CA VAL B 83 -35.27 16.04 0.62
C VAL B 83 -35.23 14.68 -0.07
N PRO B 84 -34.16 14.34 -0.81
CA PRO B 84 -34.05 13.01 -1.40
C PRO B 84 -33.92 11.97 -0.27
N VAL B 85 -34.64 10.87 -0.39
CA VAL B 85 -34.58 9.73 0.50
C VAL B 85 -34.29 8.58 -0.41
N ILE B 86 -33.09 8.01 -0.27
CA ILE B 86 -32.63 6.90 -1.12
C ILE B 86 -32.60 5.63 -0.29
N TYR B 87 -33.30 4.59 -0.75
CA TYR B 87 -33.46 3.37 -0.01
C TYR B 87 -32.48 2.33 -0.50
N LEU B 88 -31.83 1.64 0.46
CA LEU B 88 -30.87 0.62 0.14
C LEU B 88 -31.22 -0.62 0.95
N SER B 89 -31.17 -1.78 0.28
N SER B 89 -31.17 -1.77 0.29
CA SER B 89 -31.35 -3.05 0.96
C SER B 89 -30.02 -3.35 1.68
N GLN B 90 -30.11 -4.13 2.76
CA GLN B 90 -28.93 -4.56 3.54
C GLN B 90 -28.08 -3.36 3.95
N LEU B 91 -28.74 -2.31 4.46
CA LEU B 91 -28.02 -1.09 4.79
C LEU B 91 -26.98 -1.29 5.91
N ASN B 92 -27.30 -2.13 6.91
CA ASN B 92 -26.36 -2.40 8.01
C ASN B 92 -25.05 -2.96 7.49
N GLU B 93 -25.19 -3.84 6.49
CA GLU B 93 -24.06 -4.54 5.89
C GLU B 93 -23.23 -3.64 5.05
N ARG B 94 -23.85 -2.58 4.50
CA ARG B 94 -23.22 -1.70 3.51
C ARG B 94 -22.77 -0.39 4.07
N LEU B 95 -23.09 -0.15 5.34
CA LEU B 95 -22.81 1.13 5.95
C LEU B 95 -21.32 1.44 5.96
N SER B 96 -20.50 0.44 6.26
CA SER B 96 -19.08 0.64 6.23
C SER B 96 -18.56 1.15 4.86
N ALA B 97 -19.00 0.50 3.79
CA ALA B 97 -18.61 0.90 2.42
C ALA B 97 -19.09 2.33 2.10
N LEU B 98 -20.32 2.63 2.52
CA LEU B 98 -20.93 3.93 2.28
C LEU B 98 -20.11 5.03 2.96
N ALA B 99 -19.79 4.80 4.24
CA ALA B 99 -19.06 5.75 5.03
C ALA B 99 -17.62 5.85 4.54
N GLY B 100 -17.06 4.73 4.09
CA GLY B 100 -15.71 4.72 3.52
C GLY B 100 -15.62 5.70 2.34
N ARG B 101 -16.59 5.60 1.44
CA ARG B 101 -16.65 6.48 0.29
C ARG B 101 -16.84 7.94 0.71
N PHE B 102 -17.77 8.15 1.66
CA PHE B 102 -18.05 9.50 2.18
C PHE B 102 -16.77 10.14 2.70
N TYR B 103 -15.99 9.35 3.45
CA TYR B 103 -14.78 9.88 4.12
C TYR B 103 -13.47 9.68 3.36
N HIS B 104 -13.56 9.45 2.03
CA HIS B 104 -12.40 9.41 1.13
C HIS B 104 -11.47 8.24 1.44
N GLU B 105 -12.07 7.11 1.82
CA GLU B 105 -11.36 5.81 1.86
C GLU B 105 -10.10 5.90 2.72
N PRO B 106 -10.26 6.26 4.01
CA PRO B 106 -9.11 6.46 4.90
C PRO B 106 -8.19 5.22 5.01
N SER B 107 -8.75 4.01 4.88
CA SER B 107 -7.90 2.81 5.05
C SER B 107 -7.04 2.53 3.83
N ASP B 108 -7.33 3.23 2.73
CA ASP B 108 -6.45 3.24 1.55
C ASP B 108 -5.41 4.31 1.58
N ASN B 109 -5.45 5.16 2.63
CA ASN B 109 -4.51 6.27 2.80
C ASN B 109 -3.64 6.18 4.01
N LEU B 110 -3.67 5.03 4.68
CA LEU B 110 -2.66 4.68 5.70
C LEU B 110 -2.58 3.19 5.74
N ARG B 111 -1.58 2.64 6.43
CA ARG B 111 -1.42 1.22 6.57
C ARG B 111 -2.21 0.82 7.84
N LEU B 112 -3.30 0.08 7.66
CA LEU B 112 -4.15 -0.29 8.76
C LEU B 112 -3.91 -1.74 9.13
N VAL B 113 -3.65 -1.99 10.43
CA VAL B 113 -3.45 -3.35 10.93
C VAL B 113 -4.55 -3.57 11.96
N GLY B 114 -5.30 -4.65 11.77
CA GLY B 114 -6.32 -5.03 12.70
C GLY B 114 -5.93 -6.17 13.57
N VAL B 115 -6.25 -6.07 14.87
CA VAL B 115 -5.90 -7.15 15.81
C VAL B 115 -7.17 -7.66 16.48
N THR B 116 -7.40 -8.97 16.34
N THR B 116 -7.39 -8.97 16.36
CA THR B 116 -8.57 -9.65 16.89
CA THR B 116 -8.57 -9.68 16.83
C THR B 116 -8.14 -10.74 17.85
C THR B 116 -8.12 -10.72 17.87
N GLY B 117 -9.03 -11.11 18.77
CA GLY B 117 -8.78 -12.12 19.74
C GLY B 117 -9.37 -11.72 21.05
N THR B 118 -9.32 -12.63 22.02
CA THR B 118 -9.90 -12.37 23.30
C THR B 118 -9.03 -11.41 24.11
N ASN B 119 -7.73 -11.73 24.17
CA ASN B 119 -6.77 -10.97 24.98
C ASN B 119 -5.62 -10.47 24.15
N GLY B 120 -4.91 -9.46 24.66
CA GLY B 120 -3.75 -8.97 23.95
C GLY B 120 -3.99 -7.97 22.87
N LYS B 121 -5.24 -7.58 22.60
CA LYS B 121 -5.49 -6.64 21.52
C LYS B 121 -4.87 -5.33 21.82
N THR B 122 -5.05 -4.85 23.06
CA THR B 122 -4.61 -3.50 23.38
C THR B 122 -3.08 -3.46 23.32
N THR B 123 -2.40 -4.45 23.92
CA THR B 123 -0.96 -4.45 23.98
C THR B 123 -0.39 -4.59 22.54
N THR B 124 -0.99 -5.47 21.76
CA THR B 124 -0.45 -5.75 20.45
C THR B 124 -0.60 -4.53 19.53
N THR B 125 -1.75 -3.88 19.57
CA THR B 125 -1.93 -2.61 18.81
C THR B 125 -0.93 -1.57 19.23
N GLN B 126 -0.74 -1.42 20.56
CA GLN B 126 0.24 -0.45 21.04
C GLN B 126 1.64 -0.75 20.54
N LEU B 127 2.04 -2.02 20.58
CA LEU B 127 3.33 -2.39 20.10
C LEU B 127 3.48 -2.12 18.59
N LEU B 128 2.44 -2.48 17.81
CA LEU B 128 2.49 -2.23 16.35
C LEU B 128 2.69 -0.73 16.08
N ALA B 129 1.91 0.08 16.75
CA ALA B 129 1.91 1.55 16.52
C ALA B 129 3.24 2.14 16.96
N GLN B 130 3.74 1.70 18.11
CA GLN B 130 5.07 2.15 18.56
C GLN B 130 6.20 1.78 17.68
N TRP B 131 6.23 0.51 17.24
CA TRP B 131 7.38 -0.01 16.56
C TRP B 131 7.44 0.60 15.16
N SER B 132 6.27 0.65 14.51
CA SER B 132 6.19 1.27 13.19
C SER B 132 6.59 2.74 13.27
N GLN B 133 6.21 3.43 14.34
CA GLN B 133 6.58 4.87 14.47
C GLN B 133 8.10 5.00 14.65
N LEU B 134 8.70 4.07 15.41
CA LEU B 134 10.16 3.97 15.53
C LEU B 134 10.83 3.72 14.20
N LEU B 135 10.14 3.10 13.25
CA LEU B 135 10.68 2.93 11.90
C LEU B 135 10.29 4.06 10.90
N GLY B 136 9.71 5.15 11.43
CA GLY B 136 9.44 6.35 10.67
C GLY B 136 8.02 6.68 10.28
N GLU B 137 7.05 5.82 10.66
CA GLU B 137 5.66 6.10 10.40
C GLU B 137 5.20 7.18 11.43
N ILE B 138 4.10 7.84 11.11
CA ILE B 138 3.36 8.62 12.06
C ILE B 138 2.21 7.67 12.42
N SER B 139 2.26 7.13 13.64
CA SER B 139 1.36 6.05 13.97
C SER B 139 0.27 6.47 14.91
N ALA B 140 -0.81 5.69 14.86
CA ALA B 140 -2.02 5.90 15.64
C ALA B 140 -2.58 4.57 16.12
N VAL B 141 -3.50 4.65 17.09
CA VAL B 141 -4.23 3.50 17.59
C VAL B 141 -5.70 3.81 17.64
N MET B 142 -6.50 2.76 17.44
CA MET B 142 -7.90 2.79 17.69
C MET B 142 -8.23 1.57 18.53
N GLY B 143 -8.72 1.80 19.73
CA GLY B 143 -9.01 0.68 20.61
C GLY B 143 -9.67 1.03 21.90
N THR B 144 -9.45 0.15 22.89
CA THR B 144 -10.18 0.14 24.17
C THR B 144 -9.86 1.40 25.00
N VAL B 145 -8.60 1.83 24.96
CA VAL B 145 -8.07 2.99 25.64
C VAL B 145 -8.33 4.29 24.84
N GLY B 146 -9.02 4.18 23.68
CA GLY B 146 -9.41 5.30 22.84
C GLY B 146 -8.70 5.32 21.49
N ASN B 147 -8.79 6.47 20.82
CA ASN B 147 -8.25 6.70 19.48
C ASN B 147 -7.35 7.89 19.47
N GLY B 148 -6.27 7.80 18.70
CA GLY B 148 -5.42 8.95 18.44
C GLY B 148 -4.05 8.62 17.96
N LEU B 149 -3.32 9.66 17.54
CA LEU B 149 -1.90 9.55 17.26
C LEU B 149 -1.24 9.12 18.55
N LEU B 150 -0.12 8.40 18.44
CA LEU B 150 0.54 7.93 19.67
C LEU B 150 0.82 9.08 20.64
N GLY B 151 0.55 8.84 21.92
CA GLY B 151 0.69 9.83 22.99
C GLY B 151 -0.51 10.73 23.17
N LYS B 152 -1.36 10.81 22.13
CA LYS B 152 -2.57 11.64 22.09
C LYS B 152 -3.85 10.81 21.97
N VAL B 153 -3.91 9.69 22.69
CA VAL B 153 -5.02 8.77 22.59
C VAL B 153 -6.11 9.29 23.52
N ILE B 154 -7.25 9.67 22.94
CA ILE B 154 -8.39 10.28 23.62
C ILE B 154 -9.42 9.18 23.88
N PRO B 155 -9.92 9.00 25.13
CA PRO B 155 -10.83 7.89 25.47
C PRO B 155 -12.14 7.69 24.69
N GLY B 161 -20.67 3.28 18.97
CA GLY B 161 -19.66 3.06 17.94
C GLY B 161 -20.22 2.25 16.76
N SER B 162 -20.40 2.92 15.62
CA SER B 162 -20.95 2.32 14.43
C SER B 162 -19.91 2.23 13.31
N ALA B 163 -20.32 1.60 12.20
CA ALA B 163 -19.46 1.58 10.98
C ALA B 163 -19.10 2.95 10.44
N VAL B 164 -19.98 3.94 10.65
CA VAL B 164 -19.77 5.31 10.25
C VAL B 164 -18.71 5.94 11.15
N ASP B 165 -18.86 5.79 12.46
CA ASP B 165 -17.92 6.32 13.44
C ASP B 165 -16.48 5.82 13.22
N VAL B 166 -16.36 4.53 12.89
CA VAL B 166 -15.04 3.93 12.62
C VAL B 166 -14.36 4.64 11.44
N GLN B 167 -15.11 4.81 10.34
CA GLN B 167 -14.55 5.44 9.15
C GLN B 167 -14.23 6.90 9.41
N HIS B 168 -15.16 7.59 10.10
CA HIS B 168 -14.98 9.01 10.48
C HIS B 168 -13.69 9.21 11.30
N GLU B 169 -13.51 8.36 12.33
CA GLU B 169 -12.36 8.45 13.21
C GLU B 169 -11.08 8.14 12.45
N LEU B 170 -11.12 7.13 11.57
CA LEU B 170 -9.93 6.82 10.75
C LEU B 170 -9.59 7.99 9.80
N ALA B 171 -10.62 8.62 9.24
CA ALA B 171 -10.42 9.81 8.38
C ALA B 171 -9.81 10.97 9.18
N GLY B 172 -10.25 11.13 10.42
CA GLY B 172 -9.67 12.13 11.31
C GLY B 172 -8.20 11.90 11.54
N LEU B 173 -7.81 10.63 11.73
CA LEU B 173 -6.44 10.29 11.89
C LEU B 173 -5.65 10.55 10.63
N VAL B 174 -6.18 10.19 9.45
CA VAL B 174 -5.52 10.49 8.19
C VAL B 174 -5.32 12.01 8.13
N ASP B 175 -6.35 12.77 8.50
CA ASP B 175 -6.27 14.26 8.50
C ASP B 175 -5.18 14.82 9.41
N GLN B 176 -4.91 14.13 10.52
CA GLN B 176 -3.87 14.53 11.43
C GLN B 176 -2.48 14.08 11.03
N GLY B 177 -2.37 13.41 9.86
CA GLY B 177 -1.13 12.95 9.29
C GLY B 177 -0.69 11.50 9.57
N ALA B 178 -1.57 10.72 10.19
CA ALA B 178 -1.25 9.29 10.44
C ALA B 178 -0.98 8.56 9.12
N THR B 179 0.07 7.76 9.10
CA THR B 179 0.47 6.87 8.02
C THR B 179 0.35 5.39 8.39
N PHE B 180 -0.01 5.11 9.66
CA PHE B 180 -0.13 3.74 10.16
C PHE B 180 -1.12 3.78 11.32
N CYS B 181 -2.06 2.84 11.34
CA CYS B 181 -2.95 2.71 12.45
C CYS B 181 -3.09 1.25 12.83
N ALA B 182 -2.99 0.99 14.14
CA ALA B 182 -3.27 -0.32 14.71
C ALA B 182 -4.59 -0.22 15.44
N MET B 183 -5.53 -1.05 15.00
CA MET B 183 -6.90 -1.04 15.42
C MET B 183 -7.31 -2.36 16.11
N GLU B 184 -7.87 -2.26 17.31
CA GLU B 184 -8.50 -3.39 17.96
C GLU B 184 -9.80 -3.70 17.23
N VAL B 185 -9.99 -4.96 16.86
CA VAL B 185 -11.21 -5.41 16.17
C VAL B 185 -11.86 -6.43 17.08
N SER B 186 -12.98 -6.06 17.70
CA SER B 186 -13.70 -6.95 18.59
C SER B 186 -14.52 -7.94 17.79
N SER B 187 -14.77 -9.11 18.39
CA SER B 187 -15.57 -10.12 17.79
C SER B 187 -16.96 -9.56 17.46
N HIS B 188 -17.56 -8.83 18.40
CA HIS B 188 -18.89 -8.29 18.18
C HIS B 188 -18.91 -7.16 17.12
N GLY B 189 -17.87 -6.34 17.04
CA GLY B 189 -17.70 -5.35 15.99
C GLY B 189 -17.70 -5.98 14.61
N LEU B 190 -16.95 -7.07 14.48
CA LEU B 190 -16.84 -7.81 13.21
C LEU B 190 -18.21 -8.32 12.77
N VAL B 191 -18.92 -8.98 13.71
CA VAL B 191 -20.23 -9.51 13.47
C VAL B 191 -21.26 -8.44 13.04
N GLN B 192 -21.15 -7.23 13.59
CA GLN B 192 -22.06 -6.12 13.33
C GLN B 192 -21.63 -5.30 12.12
N HIS B 193 -20.63 -5.81 11.38
CA HIS B 193 -20.15 -5.21 10.17
C HIS B 193 -19.53 -3.82 10.38
N ARG B 194 -18.93 -3.58 11.56
CA ARG B 194 -18.39 -2.25 11.87
C ARG B 194 -17.10 -1.95 11.11
N VAL B 195 -16.46 -3.01 10.61
CA VAL B 195 -15.22 -2.87 9.84
C VAL B 195 -15.32 -3.45 8.46
N ALA B 196 -16.54 -3.65 7.98
CA ALA B 196 -16.76 -4.45 6.77
C ALA B 196 -15.99 -4.01 5.52
N ALA B 197 -15.86 -2.70 5.30
CA ALA B 197 -15.22 -2.18 4.12
C ALA B 197 -13.81 -1.67 4.30
N LEU B 198 -13.22 -1.90 5.47
CA LEU B 198 -11.87 -1.43 5.70
C LEU B 198 -10.86 -2.29 4.99
N LYS B 199 -9.86 -1.65 4.42
CA LYS B 199 -8.79 -2.33 3.74
C LYS B 199 -7.70 -2.57 4.78
N PHE B 200 -7.74 -3.74 5.42
CA PHE B 200 -6.63 -4.11 6.31
C PHE B 200 -5.38 -4.49 5.55
N ALA B 201 -4.25 -3.85 5.90
CA ALA B 201 -2.96 -4.33 5.37
C ALA B 201 -2.57 -5.67 5.99
N ALA B 202 -2.96 -5.86 7.25
CA ALA B 202 -2.70 -7.07 7.98
C ALA B 202 -3.76 -7.25 9.04
N SER B 203 -4.02 -8.52 9.34
CA SER B 203 -4.99 -8.96 10.36
C SER B 203 -4.28 -9.95 11.25
N VAL B 204 -4.38 -9.74 12.57
CA VAL B 204 -3.64 -10.44 13.55
C VAL B 204 -4.64 -11.18 14.43
N PHE B 205 -4.30 -12.43 14.79
CA PHE B 205 -5.09 -13.23 15.75
C PHE B 205 -4.24 -13.55 16.92
N THR B 206 -4.70 -13.11 18.09
CA THR B 206 -3.96 -13.36 19.34
C THR B 206 -4.37 -14.68 19.96
N ASN B 207 -5.63 -14.80 20.37
CA ASN B 207 -6.09 -16.01 21.05
C ASN B 207 -7.61 -16.01 21.07
N LEU B 208 -8.16 -17.15 21.50
CA LEU B 208 -9.59 -17.24 21.75
C LEU B 208 -9.74 -17.95 23.12
N SER B 209 -10.38 -17.25 24.07
CA SER B 209 -10.66 -17.75 25.42
C SER B 209 -12.12 -17.50 25.70
N ASP B 218 -22.11 -27.59 17.46
CA ASP B 218 -22.24 -26.23 17.94
C ASP B 218 -20.99 -25.43 17.58
N MET B 219 -19.82 -25.96 17.94
CA MET B 219 -18.54 -25.45 17.42
C MET B 219 -18.55 -25.30 15.87
N GLU B 220 -19.37 -26.11 15.17
CA GLU B 220 -19.57 -25.98 13.74
C GLU B 220 -20.22 -24.68 13.30
N HIS B 221 -21.26 -24.17 14.00
CA HIS B 221 -21.90 -22.87 13.61
C HIS B 221 -21.02 -21.66 13.89
N TYR B 222 -20.36 -21.67 15.06
CA TYR B 222 -19.45 -20.62 15.43
C TYR B 222 -18.40 -20.49 14.36
N GLU B 223 -17.68 -21.59 14.10
CA GLU B 223 -16.61 -21.62 13.15
C GLU B 223 -17.12 -21.14 11.79
N ALA B 224 -18.29 -21.65 11.37
CA ALA B 224 -18.83 -21.32 10.04
C ALA B 224 -19.07 -19.84 9.87
N ALA B 225 -19.69 -19.25 10.89
CA ALA B 225 -20.00 -17.84 10.89
C ALA B 225 -18.71 -16.99 10.81
N LYS B 226 -17.64 -17.45 11.47
CA LYS B 226 -16.37 -16.69 11.47
C LYS B 226 -15.65 -16.81 10.14
N TRP B 227 -15.70 -18.02 9.54
CA TRP B 227 -15.11 -18.19 8.21
C TRP B 227 -15.78 -17.36 7.18
N LEU B 228 -17.13 -17.33 7.24
CA LEU B 228 -17.94 -16.54 6.36
C LEU B 228 -17.51 -15.05 6.45
N LEU B 229 -17.43 -14.52 7.67
CA LEU B 229 -16.95 -13.14 7.90
C LEU B 229 -15.58 -12.89 7.34
N TYR B 230 -14.63 -13.80 7.62
CA TYR B 230 -13.30 -13.69 7.08
C TYR B 230 -13.38 -13.54 5.58
N SER B 231 -14.20 -14.37 4.93
CA SER B 231 -14.18 -14.44 3.47
C SER B 231 -14.73 -13.15 2.85
N GLU B 232 -15.50 -12.40 3.64
CA GLU B 232 -16.07 -11.16 3.19
C GLU B 232 -15.19 -9.93 3.40
N HIS B 233 -14.13 -10.06 4.20
CA HIS B 233 -13.33 -8.89 4.56
C HIS B 233 -12.05 -8.83 3.75
N HIS B 234 -11.45 -7.65 3.64
CA HIS B 234 -10.15 -7.45 3.04
C HIS B 234 -9.15 -7.54 4.18
N CYS B 235 -8.66 -8.75 4.46
CA CYS B 235 -7.82 -8.94 5.67
C CYS B 235 -6.36 -8.65 5.46
N GLY B 236 -5.91 -8.59 4.21
CA GLY B 236 -4.50 -8.48 3.94
C GLY B 236 -3.65 -9.63 4.45
N GLN B 237 -2.44 -9.36 4.95
CA GLN B 237 -1.59 -10.42 5.50
C GLN B 237 -2.19 -10.92 6.80
N ALA B 238 -2.32 -12.24 6.93
CA ALA B 238 -2.82 -12.90 8.15
C ALA B 238 -1.65 -13.35 9.03
N ILE B 239 -1.64 -12.92 10.30
CA ILE B 239 -0.61 -13.25 11.26
C ILE B 239 -1.30 -13.89 12.44
N ILE B 240 -0.91 -15.14 12.75
CA ILE B 240 -1.72 -15.95 13.65
C ILE B 240 -0.89 -16.64 14.68
N ASN B 241 -1.34 -16.54 15.93
CA ASN B 241 -0.72 -17.26 17.03
C ASN B 241 -0.98 -18.77 16.95
N ALA B 242 0.06 -19.50 16.61
CA ALA B 242 0.01 -20.98 16.40
C ALA B 242 -0.01 -21.72 17.74
N ASP B 243 0.20 -21.00 18.85
CA ASP B 243 0.10 -21.60 20.16
C ASP B 243 -1.30 -21.76 20.67
N ASP B 244 -2.27 -21.12 20.02
CA ASP B 244 -3.68 -21.23 20.37
C ASP B 244 -4.34 -22.27 19.44
N GLU B 245 -5.19 -23.13 20.02
CA GLU B 245 -5.85 -24.25 19.29
C GLU B 245 -6.68 -23.73 18.11
N VAL B 246 -7.37 -22.61 18.36
CA VAL B 246 -8.18 -21.96 17.35
C VAL B 246 -7.31 -21.34 16.26
N GLY B 247 -6.19 -20.74 16.68
CA GLY B 247 -5.20 -20.23 15.76
C GLY B 247 -4.75 -21.30 14.80
N ARG B 248 -4.46 -22.50 15.32
CA ARG B 248 -4.04 -23.59 14.45
C ARG B 248 -5.12 -23.98 13.41
N ARG B 249 -6.38 -23.91 13.79
CA ARG B 249 -7.47 -24.14 12.85
C ARG B 249 -7.49 -23.10 11.75
N TRP B 250 -7.32 -21.81 12.10
CA TRP B 250 -7.19 -20.74 11.06
C TRP B 250 -6.03 -21.07 10.14
N LEU B 251 -4.86 -21.35 10.74
CA LEU B 251 -3.64 -21.58 9.95
C LEU B 251 -3.78 -22.78 8.96
N ALA B 252 -4.54 -23.79 9.38
CA ALA B 252 -4.74 -25.01 8.59
C ALA B 252 -5.38 -24.67 7.24
N LYS B 253 -6.19 -23.60 7.19
CA LYS B 253 -6.88 -23.22 5.97
C LYS B 253 -6.34 -21.96 5.25
N LEU B 254 -5.25 -21.38 5.78
CA LEU B 254 -4.64 -20.18 5.27
C LEU B 254 -3.16 -20.38 4.97
N PRO B 255 -2.80 -20.96 3.81
CA PRO B 255 -1.40 -21.36 3.62
C PRO B 255 -0.44 -20.16 3.50
N ASP B 256 -0.95 -18.96 3.19
CA ASP B 256 -0.16 -17.75 3.08
C ASP B 256 -0.08 -16.93 4.38
N ALA B 257 -0.74 -17.40 5.43
CA ALA B 257 -0.69 -16.76 6.78
C ALA B 257 0.68 -16.99 7.37
N VAL B 258 1.09 -16.11 8.29
CA VAL B 258 2.33 -16.25 9.04
C VAL B 258 1.98 -16.91 10.36
N ALA B 259 2.63 -18.05 10.69
CA ALA B 259 2.46 -18.73 11.94
C ALA B 259 3.52 -18.25 12.97
N VAL B 260 3.05 -17.92 14.19
CA VAL B 260 3.90 -17.39 15.25
C VAL B 260 3.79 -18.29 16.50
N SER B 261 4.96 -18.68 17.05
CA SER B 261 4.99 -19.58 18.19
C SER B 261 6.09 -19.26 19.14
N MET B 262 5.83 -19.53 20.41
CA MET B 262 6.89 -19.50 21.40
C MET B 262 6.97 -20.84 22.07
N GLU B 263 6.35 -21.83 21.42
CA GLU B 263 6.46 -23.24 21.81
C GLU B 263 6.88 -24.04 20.57
N ASP B 264 6.25 -25.19 20.35
N ASP B 264 6.26 -25.19 20.33
CA ASP B 264 6.67 -26.06 19.29
CA ASP B 264 6.68 -26.06 19.24
C ASP B 264 5.59 -26.30 18.28
C ASP B 264 5.62 -26.27 18.22
N HIS B 265 4.80 -25.24 17.98
CA HIS B 265 3.64 -25.39 17.14
C HIS B 265 3.83 -25.02 15.67
N ILE B 266 5.01 -24.49 15.29
CA ILE B 266 5.35 -24.25 13.90
C ILE B 266 5.56 -25.63 13.27
N ASN B 267 4.80 -25.92 12.21
CA ASN B 267 5.02 -27.15 11.39
C ASN B 267 5.94 -26.78 10.22
N PRO B 268 7.24 -27.15 10.27
CA PRO B 268 8.17 -26.75 9.22
C PRO B 268 7.86 -27.41 7.82
N ASN B 269 7.04 -28.46 7.81
CA ASN B 269 6.65 -29.11 6.55
C ASN B 269 5.82 -28.22 5.63
N CYS B 270 5.15 -27.22 6.20
CA CYS B 270 4.25 -26.31 5.44
C CYS B 270 4.98 -25.40 4.42
N HIS B 271 6.29 -25.19 4.62
CA HIS B 271 7.09 -24.21 3.89
C HIS B 271 6.41 -22.86 3.82
N GLY B 272 5.76 -22.46 4.92
CA GLY B 272 5.08 -21.19 4.92
C GLY B 272 5.99 -20.25 5.68
N ARG B 273 5.49 -19.04 5.87
CA ARG B 273 6.15 -18.03 6.64
C ARG B 273 5.86 -18.26 8.14
N TRP B 274 6.89 -18.03 8.96
CA TRP B 274 6.80 -18.37 10.37
C TRP B 274 7.79 -17.52 11.19
N LEU B 275 7.52 -17.44 12.51
CA LEU B 275 8.42 -16.81 13.45
C LEU B 275 8.26 -17.52 14.77
N LYS B 276 9.39 -17.97 15.33
CA LYS B 276 9.32 -18.67 16.58
C LYS B 276 10.37 -18.25 17.58
N ALA B 277 9.94 -18.14 18.83
CA ALA B 277 10.88 -17.85 19.89
C ALA B 277 11.53 -19.22 20.20
N THR B 278 12.86 -19.26 20.13
CA THR B 278 13.62 -20.49 20.42
C THR B 278 14.11 -20.52 21.84
N GLU B 279 14.30 -19.33 22.42
CA GLU B 279 14.72 -19.25 23.81
C GLU B 279 14.21 -17.97 24.43
N VAL B 280 13.64 -18.06 25.63
CA VAL B 280 13.21 -16.87 26.35
C VAL B 280 13.76 -16.92 27.74
N ASN B 281 14.51 -15.89 28.10
CA ASN B 281 14.94 -15.69 29.50
C ASN B 281 14.12 -14.57 30.16
N TYR B 282 13.32 -14.90 31.18
CA TYR B 282 12.52 -13.90 31.90
C TYR B 282 13.40 -13.37 33.03
N HIS B 283 13.74 -12.09 32.99
CA HIS B 283 14.68 -11.57 34.00
C HIS B 283 14.03 -10.44 34.72
N ASP B 284 14.81 -9.71 35.52
CA ASP B 284 14.19 -8.81 36.45
C ASP B 284 13.72 -7.52 35.82
N SER B 285 14.04 -7.28 34.54
CA SER B 285 13.62 -6.05 33.86
C SER B 285 12.90 -6.31 32.56
N GLY B 286 12.55 -7.57 32.31
CA GLY B 286 11.89 -7.93 31.06
C GLY B 286 12.30 -9.30 30.62
N ALA B 287 12.34 -9.49 29.30
CA ALA B 287 12.62 -10.80 28.73
C ALA B 287 13.60 -10.62 27.56
N THR B 288 14.60 -11.48 27.53
CA THR B 288 15.49 -11.70 26.39
C THR B 288 14.93 -12.84 25.54
N ILE B 289 14.58 -12.49 24.29
CA ILE B 289 13.85 -13.33 23.39
C ILE B 289 14.74 -13.60 22.18
N ARG B 290 15.14 -14.86 22.05
CA ARG B 290 15.86 -15.37 20.88
C ARG B 290 14.85 -16.01 19.98
N PHE B 291 14.91 -15.65 18.70
CA PHE B 291 13.97 -16.13 17.71
C PHE B 291 14.63 -16.45 16.38
N SER B 292 13.96 -17.33 15.64
N SER B 292 13.97 -17.33 15.63
CA SER B 292 14.23 -17.59 14.23
CA SER B 292 14.26 -17.53 14.22
C SER B 292 12.95 -17.34 13.44
C SER B 292 12.98 -17.25 13.47
N SER B 293 13.11 -17.09 12.15
CA SER B 293 12.00 -16.76 11.29
C SER B 293 12.39 -16.96 9.88
N SER B 294 11.37 -16.97 9.01
CA SER B 294 11.67 -17.03 7.59
C SER B 294 12.29 -15.76 7.07
N TRP B 295 12.39 -14.71 7.90
CA TRP B 295 13.05 -13.46 7.53
C TRP B 295 14.51 -13.36 8.04
N GLY B 296 14.89 -14.32 8.86
CA GLY B 296 16.14 -14.27 9.59
C GLY B 296 15.94 -14.34 11.10
N ASP B 297 17.06 -14.45 11.81
CA ASP B 297 17.05 -14.69 13.25
C ASP B 297 17.53 -13.50 14.02
N GLY B 298 17.34 -13.52 15.35
CA GLY B 298 17.72 -12.33 16.10
C GLY B 298 17.47 -12.52 17.55
N GLU B 299 17.78 -11.46 18.30
CA GLU B 299 17.60 -11.45 19.73
C GLU B 299 17.09 -10.10 20.08
N ILE B 300 15.98 -10.05 20.85
CA ILE B 300 15.36 -8.84 21.30
C ILE B 300 15.33 -8.77 22.82
N GLU B 301 15.59 -7.57 23.36
CA GLU B 301 15.41 -7.29 24.78
C GLU B 301 14.13 -6.57 24.94
N SER B 302 13.11 -7.27 25.41
CA SER B 302 11.83 -6.67 25.66
C SER B 302 11.81 -6.19 27.11
N HIS B 303 11.13 -5.06 27.31
CA HIS B 303 10.90 -4.49 28.60
C HIS B 303 9.49 -4.76 29.08
N LEU B 304 8.81 -5.73 28.44
CA LEU B 304 7.47 -6.13 28.89
C LEU B 304 7.63 -7.44 29.70
N MET B 305 6.62 -7.73 30.50
CA MET B 305 6.64 -8.80 31.44
C MET B 305 5.65 -9.90 31.10
N GLY B 306 6.05 -11.17 31.35
CA GLY B 306 5.20 -12.33 31.26
C GLY B 306 5.28 -13.00 29.88
N ALA B 307 4.81 -14.24 29.81
CA ALA B 307 4.81 -14.99 28.58
C ALA B 307 3.85 -14.48 27.50
N PHE B 308 2.66 -14.05 27.94
CA PHE B 308 1.64 -13.57 27.02
C PHE B 308 2.17 -12.33 26.28
N ASN B 309 2.96 -11.49 26.97
CA ASN B 309 3.56 -10.34 26.30
C ASN B 309 4.70 -10.66 25.36
N VAL B 310 5.36 -11.80 25.57
CA VAL B 310 6.34 -12.31 24.58
C VAL B 310 5.51 -12.65 23.31
N SER B 311 4.40 -13.38 23.50
CA SER B 311 3.53 -13.71 22.37
C SER B 311 3.03 -12.47 21.59
N ASN B 312 2.54 -11.47 22.32
CA ASN B 312 2.06 -10.24 21.72
C ASN B 312 3.19 -9.54 20.92
N LEU B 313 4.38 -9.46 21.51
CA LEU B 313 5.54 -8.84 20.83
C LEU B 313 5.93 -9.61 19.57
N LEU B 314 6.01 -10.93 19.66
CA LEU B 314 6.23 -11.78 18.48
C LEU B 314 5.19 -11.58 17.37
N LEU B 315 3.92 -11.44 17.74
CA LEU B 315 2.89 -11.14 16.78
C LEU B 315 3.15 -9.82 16.09
N ALA B 316 3.48 -8.77 16.87
CA ALA B 316 3.76 -7.48 16.27
C ALA B 316 4.97 -7.57 15.33
N LEU B 317 6.03 -8.26 15.77
CA LEU B 317 7.28 -8.44 14.96
C LEU B 317 6.94 -9.12 13.63
N ALA B 318 6.24 -10.26 13.71
CA ALA B 318 5.91 -11.01 12.52
C ALA B 318 5.02 -10.18 11.55
N THR B 319 4.10 -9.41 12.11
CA THR B 319 3.23 -8.53 11.33
C THR B 319 4.06 -7.51 10.55
N LEU B 320 4.99 -6.84 11.24
CA LEU B 320 5.79 -5.83 10.62
C LEU B 320 6.74 -6.42 9.60
N LEU B 321 7.30 -7.61 9.89
CA LEU B 321 8.12 -8.29 8.92
C LEU B 321 7.29 -8.62 7.66
N ALA B 322 6.09 -9.16 7.86
CA ALA B 322 5.17 -9.48 6.76
C ALA B 322 4.85 -8.29 5.91
N LEU B 323 4.78 -7.10 6.51
CA LEU B 323 4.51 -5.89 5.79
C LEU B 323 5.71 -5.29 5.14
N GLY B 324 6.88 -5.87 5.34
CA GLY B 324 8.07 -5.49 4.62
C GLY B 324 9.03 -4.56 5.37
N TYR B 325 8.81 -4.37 6.68
CA TYR B 325 9.74 -3.55 7.46
C TYR B 325 10.98 -4.40 7.70
N PRO B 326 12.21 -3.86 7.54
CA PRO B 326 13.39 -4.71 7.58
C PRO B 326 13.71 -5.23 8.98
N LEU B 327 14.03 -6.53 9.05
CA LEU B 327 14.44 -7.16 10.29
C LEU B 327 15.47 -6.35 11.04
N ALA B 328 16.53 -5.88 10.34
CA ALA B 328 17.59 -5.19 11.06
C ALA B 328 17.08 -3.94 11.77
N ASP B 329 16.14 -3.22 11.16
CA ASP B 329 15.63 -1.98 11.71
C ASP B 329 14.69 -2.29 12.91
N LEU B 330 13.88 -3.35 12.79
CA LEU B 330 13.05 -3.78 13.90
C LEU B 330 13.90 -4.14 15.12
N LEU B 331 14.97 -4.91 14.90
CA LEU B 331 15.90 -5.25 15.96
C LEU B 331 16.50 -4.05 16.69
N LYS B 332 16.85 -2.99 15.95
CA LYS B 332 17.52 -1.81 16.49
C LYS B 332 16.57 -0.98 17.34
N THR B 333 15.25 -1.19 17.16
CA THR B 333 14.25 -0.37 17.79
C THR B 333 13.47 -1.10 18.88
N ALA B 334 13.64 -2.41 18.96
CA ALA B 334 12.79 -3.24 19.84
C ALA B 334 12.91 -2.86 21.34
N ALA B 335 14.11 -2.48 21.75
CA ALA B 335 14.33 -2.13 23.16
C ALA B 335 13.59 -0.87 23.61
N ARG B 336 13.15 -0.05 22.67
CA ARG B 336 12.37 1.12 23.00
C ARG B 336 10.89 0.88 23.14
N LEU B 337 10.42 -0.35 22.87
CA LEU B 337 9.02 -0.64 22.98
C LEU B 337 8.64 -0.64 24.45
N GLN B 338 7.50 -0.02 24.75
CA GLN B 338 7.08 0.13 26.15
C GLN B 338 5.74 -0.51 26.40
N PRO B 339 5.47 -0.88 27.67
CA PRO B 339 4.16 -1.37 28.06
C PRO B 339 3.12 -0.31 27.99
N VAL B 340 1.85 -0.72 27.96
CA VAL B 340 0.80 0.24 28.20
C VAL B 340 0.93 0.67 29.67
N CYS B 341 0.82 1.97 29.93
CA CYS B 341 1.02 2.49 31.27
C CYS B 341 0.19 1.71 32.32
N GLY B 342 0.85 1.21 33.37
CA GLY B 342 0.11 0.53 34.41
C GLY B 342 -0.38 -0.84 34.03
N ARG B 343 0.17 -1.39 32.94
CA ARG B 343 -0.09 -2.76 32.54
C ARG B 343 1.20 -3.56 32.61
N MET B 344 1.35 -4.36 33.67
CA MET B 344 2.59 -5.15 33.97
C MET B 344 3.82 -4.26 33.70
N GLU B 345 3.77 -3.06 34.28
CA GLU B 345 4.75 -2.02 34.04
C GLU B 345 5.87 -2.19 35.06
N VAL B 346 7.08 -2.51 34.59
CA VAL B 346 8.20 -2.86 35.46
C VAL B 346 8.99 -1.61 35.83
N PHE B 347 9.39 -1.60 37.10
CA PHE B 347 10.22 -0.53 37.71
C PHE B 347 11.36 -1.26 38.32
N THR B 348 12.57 -0.94 37.84
CA THR B 348 13.78 -1.52 38.37
C THR B 348 14.69 -0.39 38.80
N ALA B 349 15.56 -0.72 39.72
CA ALA B 349 16.55 0.25 40.15
C ALA B 349 17.71 -0.63 40.60
N PRO B 350 18.95 -0.14 40.39
CA PRO B 350 20.15 -0.86 40.78
C PRO B 350 20.04 -1.40 42.19
N GLY B 351 20.21 -2.72 42.32
CA GLY B 351 20.26 -3.39 43.60
C GLY B 351 19.02 -3.38 44.46
N LYS B 352 17.84 -3.08 43.88
CA LYS B 352 16.58 -3.04 44.63
C LYS B 352 15.64 -4.15 44.11
N PRO B 353 14.56 -4.54 44.82
CA PRO B 353 13.60 -5.50 44.28
C PRO B 353 12.98 -4.92 43.04
N THR B 354 12.57 -5.79 42.12
CA THR B 354 11.80 -5.37 40.97
C THR B 354 10.36 -5.14 41.37
N VAL B 355 9.75 -4.07 40.85
CA VAL B 355 8.40 -3.77 41.26
C VAL B 355 7.59 -3.63 39.98
N VAL B 356 6.45 -4.32 39.93
CA VAL B 356 5.56 -4.28 38.77
C VAL B 356 4.26 -3.64 39.22
N VAL B 357 3.77 -2.64 38.48
CA VAL B 357 2.54 -2.01 38.73
C VAL B 357 1.57 -2.51 37.64
N ASP B 358 0.46 -3.06 38.08
CA ASP B 358 -0.57 -3.61 37.17
C ASP B 358 -1.96 -3.29 37.63
N TYR B 359 -2.85 -3.05 36.66
CA TYR B 359 -4.21 -2.67 37.00
C TYR B 359 -5.07 -3.82 37.50
N ALA B 360 -4.58 -5.07 37.50
CA ALA B 360 -5.39 -6.25 37.90
C ALA B 360 -6.21 -6.00 39.12
N HIS B 361 -7.53 -6.09 38.94
CA HIS B 361 -8.47 -5.87 40.03
C HIS B 361 -9.65 -6.89 40.09
N THR B 362 -9.43 -8.08 39.52
CA THR B 362 -10.33 -9.23 39.62
C THR B 362 -9.53 -10.48 39.91
N PRO B 363 -10.15 -11.58 40.39
CA PRO B 363 -9.40 -12.81 40.66
C PRO B 363 -8.64 -13.32 39.47
N ASP B 364 -9.30 -13.42 38.30
N ASP B 364 -9.30 -13.43 38.31
CA ASP B 364 -8.60 -13.91 37.12
CA ASP B 364 -8.66 -13.86 37.05
C ASP B 364 -7.42 -13.02 36.68
C ASP B 364 -7.43 -13.02 36.70
N ALA B 365 -7.63 -11.70 36.67
CA ALA B 365 -6.57 -10.75 36.27
C ALA B 365 -5.39 -10.81 37.26
N LEU B 366 -5.71 -10.91 38.55
CA LEU B 366 -4.67 -10.99 39.59
C LEU B 366 -3.89 -12.26 39.48
N GLU B 367 -4.59 -13.37 39.26
CA GLU B 367 -3.92 -14.66 39.01
C GLU B 367 -2.97 -14.55 37.81
N LYS B 368 -3.45 -13.99 36.69
CA LYS B 368 -2.60 -13.91 35.48
C LYS B 368 -1.35 -13.01 35.74
N ALA B 369 -1.57 -11.90 36.43
CA ALA B 369 -0.50 -10.92 36.71
C ALA B 369 0.58 -11.55 37.61
N LEU B 370 0.14 -12.31 38.61
CA LEU B 370 1.06 -13.05 39.49
C LEU B 370 1.83 -14.15 38.79
N GLN B 371 1.15 -14.89 37.91
CA GLN B 371 1.83 -15.90 37.14
C GLN B 371 2.85 -15.34 36.20
N ALA B 372 2.54 -14.20 35.59
CA ALA B 372 3.47 -13.49 34.74
C ALA B 372 4.68 -13.00 35.53
N ALA B 373 4.42 -12.32 36.66
CA ALA B 373 5.50 -11.84 37.53
C ALA B 373 6.42 -12.93 37.99
N ARG B 374 5.85 -14.09 38.33
CA ARG B 374 6.59 -15.19 38.89
C ARG B 374 7.75 -15.62 37.97
N LEU B 375 7.51 -15.53 36.65
CA LEU B 375 8.53 -15.91 35.67
C LEU B 375 9.81 -15.14 35.81
N HIS B 376 9.68 -13.87 36.22
CA HIS B 376 10.77 -12.98 36.31
C HIS B 376 11.42 -12.92 37.72
N CYS B 377 10.94 -13.75 38.65
CA CYS B 377 11.20 -13.65 40.08
C CYS B 377 12.10 -14.79 40.56
N ALA B 378 13.34 -14.44 40.86
CA ALA B 378 14.30 -15.43 41.40
C ALA B 378 14.03 -15.74 42.88
N GLY B 379 13.50 -14.75 43.61
CA GLY B 379 13.32 -14.85 45.03
C GLY B 379 11.88 -15.03 45.36
N LYS B 380 11.41 -14.18 46.27
CA LYS B 380 10.02 -14.20 46.70
C LYS B 380 9.19 -13.19 45.90
N LEU B 381 7.94 -13.57 45.65
CA LEU B 381 6.95 -12.77 44.98
C LEU B 381 5.99 -12.21 46.00
N TRP B 382 5.96 -10.88 46.08
CA TRP B 382 5.07 -10.15 46.99
C TRP B 382 3.88 -9.61 46.18
N CYS B 383 2.69 -9.58 46.79
CA CYS B 383 1.51 -9.01 46.14
C CYS B 383 0.87 -8.01 47.07
N VAL B 384 0.87 -6.74 46.66
CA VAL B 384 0.24 -5.65 47.39
C VAL B 384 -1.08 -5.32 46.67
N PHE B 385 -2.20 -5.37 47.41
CA PHE B 385 -3.50 -5.16 46.79
C PHE B 385 -4.58 -4.93 47.83
N GLY B 386 -5.73 -4.42 47.35
CA GLY B 386 -6.93 -4.31 48.16
C GLY B 386 -8.10 -4.44 47.23
N CYS B 387 -9.29 -4.19 47.79
CA CYS B 387 -10.50 -4.22 46.96
C CYS B 387 -11.33 -2.98 47.24
N GLY B 388 -12.09 -2.57 46.21
CA GLY B 388 -12.93 -1.40 46.28
C GLY B 388 -14.05 -1.55 47.29
N GLY B 389 -14.30 -0.45 47.99
CA GLY B 389 -15.44 -0.36 48.89
C GLY B 389 -16.72 -0.08 48.12
N ASP B 390 -17.84 -0.46 48.76
CA ASP B 390 -19.19 -0.18 48.28
C ASP B 390 -19.47 -0.79 46.93
N ARG B 391 -18.85 -1.93 46.62
CA ARG B 391 -19.07 -2.59 45.38
C ARG B 391 -18.14 -3.73 45.13
N ASP B 392 -18.55 -4.59 44.20
CA ASP B 392 -17.84 -5.79 43.79
C ASP B 392 -17.27 -6.55 45.00
N LYS B 393 -18.19 -7.04 45.84
CA LYS B 393 -17.82 -7.54 47.16
C LYS B 393 -17.51 -9.01 47.15
N GLY B 394 -18.19 -9.73 46.25
CA GLY B 394 -17.98 -11.14 46.06
C GLY B 394 -16.53 -11.52 45.73
N LYS B 395 -15.85 -10.68 44.95
CA LYS B 395 -14.46 -10.98 44.56
C LYS B 395 -13.47 -11.01 45.75
N ARG B 396 -13.83 -10.40 46.88
CA ARG B 396 -12.89 -10.13 47.96
C ARG B 396 -12.18 -11.40 48.45
N PRO B 397 -12.89 -12.43 48.95
CA PRO B 397 -12.19 -13.63 49.41
C PRO B 397 -11.46 -14.39 48.28
N LEU B 398 -11.98 -14.28 47.06
CA LEU B 398 -11.38 -14.95 45.88
C LEU B 398 -10.01 -14.30 45.56
N MET B 399 -9.94 -12.97 45.67
N MET B 399 -9.98 -12.95 45.63
CA MET B 399 -8.66 -12.28 45.48
CA MET B 399 -8.76 -12.12 45.53
C MET B 399 -7.68 -12.60 46.61
C MET B 399 -7.74 -12.53 46.59
N GLY B 400 -8.21 -12.74 47.84
CA GLY B 400 -7.38 -13.23 48.93
C GLY B 400 -6.78 -14.60 48.70
N ALA B 401 -7.60 -15.56 48.25
CA ALA B 401 -7.13 -16.92 47.97
C ALA B 401 -6.03 -16.94 46.88
N ILE B 402 -6.25 -16.12 45.85
CA ILE B 402 -5.35 -15.95 44.69
C ILE B 402 -4.01 -15.40 45.13
N ALA B 403 -4.04 -14.31 45.90
CA ALA B 403 -2.81 -13.74 46.44
C ALA B 403 -2.03 -14.69 47.28
N GLU B 404 -2.73 -15.44 48.14
CA GLU B 404 -2.06 -16.42 48.95
C GLU B 404 -1.42 -17.56 48.12
N GLU B 405 -2.14 -18.02 47.10
CA GLU B 405 -1.73 -19.19 46.35
C GLU B 405 -0.60 -18.85 45.37
N PHE B 406 -0.73 -17.73 44.67
CA PHE B 406 0.16 -17.38 43.56
C PHE B 406 1.31 -16.39 43.94
N ALA B 407 1.23 -15.78 45.13
CA ALA B 407 2.35 -15.09 45.71
C ALA B 407 2.92 -15.80 46.89
N ASP B 408 4.15 -15.42 47.28
CA ASP B 408 4.78 -15.87 48.50
C ASP B 408 4.40 -15.01 49.71
N VAL B 409 4.20 -13.70 49.49
CA VAL B 409 3.77 -12.79 50.57
C VAL B 409 2.59 -11.94 50.07
N ALA B 410 1.46 -11.98 50.78
CA ALA B 410 0.32 -11.11 50.46
C ALA B 410 0.35 -9.93 51.40
N VAL B 411 0.37 -8.71 50.83
CA VAL B 411 0.24 -7.50 51.61
C VAL B 411 -1.14 -6.88 51.30
N VAL B 412 -2.09 -6.96 52.25
CA VAL B 412 -3.46 -6.54 52.03
C VAL B 412 -3.63 -5.09 52.54
N THR B 413 -4.09 -4.21 51.66
CA THR B 413 -4.21 -2.81 51.95
C THR B 413 -5.48 -2.25 51.38
N ASP B 414 -5.57 -0.93 51.30
CA ASP B 414 -6.75 -0.23 50.78
C ASP B 414 -6.63 0.06 49.29
N ASP B 415 -7.79 0.03 48.61
CA ASP B 415 -7.96 0.39 47.21
C ASP B 415 -9.38 0.94 47.00
N ASN B 416 -9.52 2.26 47.04
CA ASN B 416 -10.81 2.93 46.85
C ASN B 416 -11.83 2.44 47.86
N PRO B 417 -11.57 2.56 49.17
CA PRO B 417 -12.53 2.12 50.19
C PRO B 417 -13.87 2.88 50.15
N ARG B 418 -13.89 4.06 49.55
CA ARG B 418 -15.14 4.83 49.37
C ARG B 418 -15.69 5.07 50.76
N THR B 419 -16.97 4.76 51.00
CA THR B 419 -17.60 5.09 52.29
C THR B 419 -17.53 3.94 53.24
N GLU B 420 -17.09 2.77 52.75
CA GLU B 420 -16.98 1.53 53.57
C GLU B 420 -15.76 1.55 54.49
N GLU B 421 -15.94 1.00 55.69
CA GLU B 421 -14.89 0.95 56.67
C GLU B 421 -13.72 0.16 56.09
N PRO B 422 -12.51 0.74 55.92
CA PRO B 422 -11.43 0.07 55.20
C PRO B 422 -11.13 -1.32 55.76
N ARG B 423 -11.04 -1.45 57.08
CA ARG B 423 -10.77 -2.73 57.74
C ARG B 423 -11.80 -3.85 57.43
N ALA B 424 -13.06 -3.48 57.23
CA ALA B 424 -14.10 -4.47 56.89
C ALA B 424 -13.83 -5.11 55.55
N ILE B 425 -13.36 -4.30 54.60
CA ILE B 425 -13.00 -4.79 53.26
C ILE B 425 -11.85 -5.79 53.42
N ILE B 426 -10.82 -5.37 54.16
CA ILE B 426 -9.65 -6.21 54.37
C ILE B 426 -10.03 -7.56 54.99
N ASN B 427 -10.93 -7.53 55.97
CA ASN B 427 -11.42 -8.78 56.54
C ASN B 427 -12.08 -9.76 55.59
N ASP B 428 -12.87 -9.23 54.66
CA ASP B 428 -13.52 -10.00 53.64
C ASP B 428 -12.50 -10.68 52.75
N ILE B 429 -11.38 -9.98 52.52
CA ILE B 429 -10.32 -10.53 51.70
C ILE B 429 -9.62 -11.67 52.45
N LEU B 430 -9.23 -11.41 53.70
CA LEU B 430 -8.58 -12.34 54.59
C LEU B 430 -9.41 -13.64 54.78
N ALA B 431 -10.73 -13.49 54.72
CA ALA B 431 -11.65 -14.63 54.85
C ALA B 431 -11.40 -15.72 53.85
N GLY B 432 -10.88 -15.33 52.66
CA GLY B 432 -10.59 -16.27 51.62
C GLY B 432 -9.30 -17.03 51.80
N MET B 433 -8.49 -16.71 52.82
CA MET B 433 -7.18 -17.32 52.95
C MET B 433 -7.12 -18.52 53.93
N LEU B 434 -6.36 -19.55 53.54
CA LEU B 434 -6.02 -20.68 54.42
C LEU B 434 -5.21 -20.28 55.60
N ASP B 435 -4.29 -19.31 55.41
CA ASP B 435 -3.38 -18.91 56.43
C ASP B 435 -3.24 -17.41 56.43
N ALA B 436 -4.32 -16.74 56.84
CA ALA B 436 -4.36 -15.32 56.87
C ALA B 436 -3.35 -14.70 57.77
N GLY B 437 -2.92 -15.43 58.81
CA GLY B 437 -1.95 -14.91 59.73
C GLY B 437 -0.60 -14.72 59.05
N HIS B 438 -0.37 -15.40 57.93
CA HIS B 438 0.85 -15.25 57.09
C HIS B 438 0.84 -13.95 56.25
N ALA B 439 -0.37 -13.40 56.03
CA ALA B 439 -0.54 -12.22 55.25
C ALA B 439 -0.13 -11.05 56.09
N LYS B 440 0.28 -9.95 55.44
CA LYS B 440 0.66 -8.72 56.09
C LYS B 440 -0.51 -7.84 55.78
N VAL B 441 -1.00 -7.14 56.81
CA VAL B 441 -2.10 -6.21 56.60
C VAL B 441 -1.51 -4.84 56.97
N MET B 442 -1.75 -3.86 56.10
N MET B 442 -1.73 -3.85 56.11
CA MET B 442 -1.20 -2.54 56.34
CA MET B 442 -1.11 -2.55 56.30
C MET B 442 -2.09 -1.57 55.66
C MET B 442 -2.03 -1.54 55.65
N GLU B 443 -2.62 -0.65 56.45
CA GLU B 443 -3.56 0.32 55.97
C GLU B 443 -2.81 1.58 55.81
N GLY B 444 -3.28 2.31 54.80
CA GLY B 444 -2.55 3.35 54.19
C GLY B 444 -1.92 2.57 53.05
N ARG B 445 -2.40 2.82 51.83
CA ARG B 445 -1.81 2.12 50.65
C ARG B 445 -0.37 2.47 50.44
N ALA B 446 -0.03 3.76 50.53
CA ALA B 446 1.40 4.17 50.36
C ALA B 446 2.29 3.37 51.33
N GLU B 447 1.80 3.20 52.57
CA GLU B 447 2.58 2.55 53.59
C GLU B 447 2.74 1.08 53.29
N ALA B 448 1.68 0.46 52.75
CA ALA B 448 1.70 -0.99 52.37
C ALA B 448 2.68 -1.20 51.23
N VAL B 449 2.65 -0.29 50.25
CA VAL B 449 3.56 -0.43 49.13
C VAL B 449 4.98 -0.35 49.66
N THR B 450 5.20 0.61 50.56
CA THR B 450 6.54 0.88 51.12
C THR B 450 7.00 -0.34 51.93
N CYS B 451 6.09 -0.92 52.70
CA CYS B 451 6.36 -2.13 53.48
C CYS B 451 6.92 -3.23 52.61
N ALA B 452 6.26 -3.50 51.48
CA ALA B 452 6.69 -4.54 50.59
C ALA B 452 8.02 -4.20 49.94
N VAL B 453 8.12 -3.00 49.39
CA VAL B 453 9.31 -2.63 48.62
C VAL B 453 10.56 -2.58 49.53
N MET B 454 10.39 -2.07 50.75
N MET B 454 10.43 -2.05 50.75
CA MET B 454 11.52 -1.89 51.68
CA MET B 454 11.61 -1.90 51.63
C MET B 454 11.96 -3.19 52.31
C MET B 454 11.92 -3.15 52.45
N GLN B 455 11.02 -4.15 52.46
CA GLN B 455 11.32 -5.43 53.08
C GLN B 455 11.75 -6.47 52.08
N ALA B 456 11.29 -6.33 50.84
CA ALA B 456 11.67 -7.27 49.81
C ALA B 456 13.17 -7.28 49.62
N LYS B 457 13.72 -8.44 49.31
CA LYS B 457 15.11 -8.59 48.85
C LYS B 457 15.35 -8.19 47.42
N GLU B 458 16.63 -8.11 47.06
CA GLU B 458 17.07 -7.58 45.79
C GLU B 458 16.56 -8.45 44.64
N ASN B 459 16.47 -9.76 44.87
CA ASN B 459 16.05 -10.68 43.80
C ASN B 459 14.54 -11.03 43.90
N ASP B 460 13.83 -10.30 44.77
CA ASP B 460 12.39 -10.45 44.90
C ASP B 460 11.67 -9.62 43.82
N VAL B 461 10.38 -9.91 43.63
CA VAL B 461 9.53 -9.09 42.76
C VAL B 461 8.29 -8.75 43.61
N VAL B 462 7.92 -7.47 43.56
CA VAL B 462 6.69 -6.99 44.21
C VAL B 462 5.70 -6.56 43.15
N LEU B 463 4.54 -7.23 43.12
CA LEU B 463 3.43 -6.77 42.27
C LEU B 463 2.51 -5.87 43.09
N VAL B 464 2.32 -4.64 42.61
CA VAL B 464 1.41 -3.64 43.16
C VAL B 464 0.22 -3.63 42.22
N ALA B 465 -0.85 -4.26 42.65
CA ALA B 465 -2.03 -4.54 41.80
C ALA B 465 -3.23 -3.67 42.18
N GLY B 466 -3.99 -3.34 41.15
CA GLY B 466 -5.35 -2.83 41.30
C GLY B 466 -5.63 -1.46 40.75
N LYS B 467 -4.59 -0.67 40.54
CA LYS B 467 -4.73 0.70 40.09
C LYS B 467 -4.16 0.97 38.73
N GLY B 468 -3.03 0.36 38.39
CA GLY B 468 -2.36 0.61 37.13
C GLY B 468 -2.01 2.08 37.04
N HIS B 469 -2.62 2.82 36.10
CA HIS B 469 -2.37 4.28 35.92
C HIS B 469 -3.37 5.22 36.61
N GLU B 470 -4.27 4.67 37.43
CA GLU B 470 -5.40 5.42 37.94
C GLU B 470 -4.96 6.08 39.19
N ASP B 471 -4.57 7.37 39.06
CA ASP B 471 -3.86 8.13 40.08
C ASP B 471 -4.73 8.88 41.12
N TYR B 472 -5.56 8.12 41.81
CA TYR B 472 -6.40 8.60 42.89
C TYR B 472 -6.74 7.44 43.81
N GLN B 473 -7.12 7.79 45.03
CA GLN B 473 -7.65 6.88 46.02
C GLN B 473 -8.95 7.54 46.51
N ILE B 474 -10.08 6.85 46.27
CA ILE B 474 -11.37 7.36 46.66
C ILE B 474 -11.63 7.01 48.10
N VAL B 475 -11.63 8.03 48.96
CA VAL B 475 -12.01 7.88 50.38
C VAL B 475 -13.21 8.82 50.61
N GLY B 476 -14.33 8.26 51.03
CA GLY B 476 -15.61 8.95 51.06
C GLY B 476 -16.10 8.93 49.63
N ASN B 477 -16.38 10.11 49.07
CA ASN B 477 -16.57 10.24 47.61
C ASN B 477 -15.56 11.22 47.00
N GLN B 478 -14.51 11.51 47.78
CA GLN B 478 -13.39 12.38 47.42
C GLN B 478 -12.28 11.58 46.72
N ARG B 479 -11.82 12.11 45.59
CA ARG B 479 -10.65 11.58 44.90
C ARG B 479 -9.37 12.21 45.42
N LEU B 480 -8.72 11.54 46.37
CA LEU B 480 -7.48 12.01 46.92
C LEU B 480 -6.35 11.64 45.95
N ASP B 481 -5.38 12.53 45.83
CA ASP B 481 -4.30 12.39 44.88
C ASP B 481 -3.41 11.29 45.45
N TYR B 482 -3.21 10.25 44.65
CA TYR B 482 -2.33 9.15 45.03
C TYR B 482 -2.03 8.32 43.74
N SER B 483 -0.77 7.96 43.55
CA SER B 483 -0.30 7.14 42.45
C SER B 483 0.64 6.01 42.93
N ASP B 484 0.29 4.76 42.57
CA ASP B 484 1.13 3.61 42.83
C ASP B 484 2.47 3.83 42.12
N ARG B 485 2.42 4.31 40.86
CA ARG B 485 3.60 4.45 40.07
C ARG B 485 4.59 5.45 40.72
N VAL B 486 4.08 6.59 41.17
CA VAL B 486 4.90 7.61 41.77
C VAL B 486 5.43 7.13 43.10
N THR B 487 4.59 6.43 43.89
CA THR B 487 5.05 5.91 45.14
C THR B 487 6.27 4.97 44.92
N VAL B 488 6.10 4.03 44.00
CA VAL B 488 7.10 3.06 43.71
C VAL B 488 8.38 3.75 43.20
N ALA B 489 8.18 4.68 42.25
CA ALA B 489 9.31 5.38 41.66
C ALA B 489 10.18 6.07 42.70
N ARG B 490 9.53 6.76 43.63
CA ARG B 490 10.25 7.45 44.72
C ARG B 490 10.98 6.52 45.60
N LEU B 491 10.34 5.39 45.98
CA LEU B 491 11.06 4.39 46.77
C LEU B 491 12.31 3.79 46.10
N LEU B 492 12.24 3.59 44.79
CA LEU B 492 13.29 2.98 44.06
C LEU B 492 14.36 4.02 43.60
N GLY B 493 14.04 5.29 43.75
CA GLY B 493 14.94 6.37 43.30
C GLY B 493 14.93 6.57 41.80
N VAL B 494 13.78 6.29 41.18
CA VAL B 494 13.59 6.43 39.75
C VAL B 494 12.46 7.38 39.46
N ILE B 495 12.12 7.56 38.19
CA ILE B 495 11.17 8.55 37.72
C ILE B 495 9.96 7.90 37.04
N ALA B 496 8.75 8.11 37.57
CA ALA B 496 7.53 7.51 37.05
C ALA B 496 7.20 8.24 35.78
#